data_4E27
#
_entry.id   4E27
#
_cell.length_a   135.710
_cell.length_b   68.360
_cell.length_c   107.830
_cell.angle_alpha   90.00
_cell.angle_beta   93.69
_cell.angle_gamma   90.00
#
_symmetry.space_group_name_H-M   'C 1 2 1'
#
loop_
_entity.id
_entity.type
_entity.pdbx_description
1 polymer 'Capsid Protein'
2 non-polymer 'IODIDE ION'
3 non-polymer 'SODIUM ION'
4 water water
#
_entity_poly.entity_id   1
_entity_poly.type   'polypeptide(L)'
_entity_poly.pdbx_seq_one_letter_code
;SQQFRIDSESIRDKLNTLLPSQSRGSIGVDLSGSTTIIPVVDLTETAEGGAQREDLQKAFTLINTIDFDVENTTTTIANT
PGFYKVVGNLSSRDEASGAIAVIEVTDGITTKILANNRIVSPDGTTAVQSVPVPFDLMVKLVAGDTLQARSNNAEVRVQG
IARQIADVSGNLINP
;
_entity_poly.pdbx_strand_id   A,B,C,D,E
#
# COMPACT_ATOMS: atom_id res chain seq x y z
N GLN A 3 -1.04 33.98 30.40
CA GLN A 3 -1.80 32.78 30.76
C GLN A 3 -3.27 33.09 31.01
N PHE A 4 -4.13 32.10 30.78
CA PHE A 4 -5.58 32.26 30.95
C PHE A 4 -6.18 30.97 31.49
N ARG A 5 -7.49 30.95 31.69
CA ARG A 5 -8.17 29.76 32.21
C ARG A 5 -9.01 29.08 31.12
N ILE A 6 -9.03 27.74 31.12
CA ILE A 6 -9.74 26.98 30.10
C ILE A 6 -11.06 26.42 30.60
N ASP A 7 -12.06 26.40 29.73
CA ASP A 7 -13.39 25.87 30.06
C ASP A 7 -13.76 24.73 29.10
N SER A 8 -13.49 23.50 29.54
CA SER A 8 -13.76 22.30 28.75
C SER A 8 -13.66 21.08 29.64
N GLU A 9 -14.72 20.30 29.72
CA GLU A 9 -14.73 19.14 30.59
C GLU A 9 -14.00 17.96 29.97
N SER A 10 -14.10 17.85 28.65
CA SER A 10 -13.46 16.78 27.92
C SER A 10 -11.95 16.82 28.14
N ILE A 11 -11.37 18.01 28.04
CA ILE A 11 -9.93 18.19 28.21
C ILE A 11 -9.47 17.90 29.64
N ARG A 12 -10.25 18.36 30.61
CA ARG A 12 -9.98 18.04 32.01
C ARG A 12 -10.07 16.54 32.23
N ASP A 13 -11.03 15.87 31.61
CA ASP A 13 -11.09 14.42 31.69
C ASP A 13 -9.95 13.72 30.96
N LYS A 14 -9.57 14.15 29.77
CA LYS A 14 -8.44 13.56 29.10
C LYS A 14 -7.18 13.68 29.92
N LEU A 15 -6.95 14.83 30.50
CA LEU A 15 -5.82 15.05 31.34
C LEU A 15 -5.87 14.29 32.65
N ASN A 16 -7.08 14.02 33.12
CA ASN A 16 -7.27 13.25 34.35
C ASN A 16 -6.78 11.80 34.21
N THR A 17 -7.04 11.22 33.05
CA THR A 17 -6.71 9.81 32.81
C THR A 17 -5.29 9.64 32.29
N LEU A 18 -4.88 10.54 31.39
CA LEU A 18 -3.53 10.50 30.85
C LEU A 18 -2.49 10.70 31.95
N LEU A 19 -2.70 11.69 32.79
CA LEU A 19 -1.80 11.95 33.91
C LEU A 19 -2.55 11.87 35.26
N PRO A 20 -2.67 10.65 35.82
CA PRO A 20 -3.43 10.37 37.05
C PRO A 20 -2.83 11.01 38.31
N SER A 21 -3.53 10.84 39.43
CA SER A 21 -3.10 11.43 40.71
C SER A 21 -2.97 10.38 41.82
N LEU A 31 -7.67 24.49 35.64
CA LEU A 31 -6.83 24.24 34.46
C LEU A 31 -6.64 25.51 33.64
N SER A 32 -5.39 25.74 33.24
CA SER A 32 -5.03 26.99 32.60
C SER A 32 -4.59 26.82 31.14
N GLY A 33 -4.43 27.93 30.44
CA GLY A 33 -3.89 27.93 29.10
C GLY A 33 -2.80 28.98 28.98
N SER A 34 -2.01 28.91 27.91
CA SER A 34 -0.94 29.87 27.69
C SER A 34 -1.01 30.51 26.32
N THR A 35 -0.55 31.75 26.22
CA THR A 35 -0.60 32.47 24.96
C THR A 35 0.78 32.72 24.37
N THR A 36 1.74 31.88 24.73
CA THR A 36 3.08 31.99 24.17
C THR A 36 3.49 30.69 23.49
N ILE A 37 3.35 30.65 22.16
CA ILE A 37 3.70 29.50 21.34
C ILE A 37 5.17 29.12 21.48
N ILE A 38 5.42 27.89 21.90
CA ILE A 38 6.80 27.41 22.10
C ILE A 38 7.25 26.48 20.98
N PRO A 39 8.28 26.90 20.23
CA PRO A 39 8.83 26.03 19.19
C PRO A 39 9.57 24.85 19.80
N VAL A 40 9.13 23.64 19.52
CA VAL A 40 9.79 22.46 20.05
C VAL A 40 10.45 21.65 18.95
N VAL A 41 11.33 20.74 19.35
CA VAL A 41 11.76 19.67 18.47
C VAL A 41 11.52 18.35 19.21
N ASP A 42 11.12 17.32 18.48
CA ASP A 42 10.71 16.06 19.10
C ASP A 42 11.81 15.01 19.03
N LEU A 43 12.23 14.49 20.18
CA LEU A 43 13.29 13.49 20.26
C LEU A 43 12.76 12.12 20.64
N THR A 44 11.44 11.94 20.54
CA THR A 44 10.79 10.74 21.04
C THR A 44 11.30 9.48 20.34
N GLU A 45 11.34 9.51 19.00
CA GLU A 45 11.75 8.33 18.24
C GLU A 45 13.20 7.92 18.54
N THR A 46 14.01 8.90 18.94
CA THR A 46 15.43 8.67 19.22
C THR A 46 15.65 8.14 20.65
N ALA A 47 14.80 8.57 21.58
CA ALA A 47 14.90 8.13 22.97
C ALA A 47 14.44 6.69 23.12
N GLU A 48 13.63 6.23 22.16
CA GLU A 48 13.22 4.84 22.13
C GLU A 48 14.18 4.05 21.25
N GLY A 49 14.65 4.68 20.17
CA GLY A 49 15.68 4.09 19.34
C GLY A 49 15.28 3.00 18.36
N GLY A 50 15.22 3.35 17.08
CA GLY A 50 15.20 2.37 15.99
C GLY A 50 13.90 1.64 15.70
N ALA A 51 13.66 1.39 14.42
CA ALA A 51 12.43 0.78 13.95
C ALA A 51 11.24 1.50 14.55
N GLN A 52 11.25 2.82 14.42
CA GLN A 52 10.22 3.66 15.00
C GLN A 52 9.10 3.94 14.03
N ARG A 53 9.28 3.51 12.78
CA ARG A 53 8.25 3.71 11.78
C ARG A 53 7.69 2.36 11.39
N GLU A 54 6.39 2.33 11.08
CA GLU A 54 5.66 1.10 10.82
C GLU A 54 6.36 0.15 9.86
N ASP A 55 6.90 0.69 8.77
CA ASP A 55 7.50 -0.14 7.73
C ASP A 55 8.81 -0.80 8.17
N LEU A 56 9.58 -0.11 9.00
CA LEU A 56 10.83 -0.68 9.53
C LEU A 56 10.54 -1.72 10.63
N GLN A 57 9.58 -1.40 11.49
CA GLN A 57 9.23 -2.30 12.59
C GLN A 57 8.71 -3.65 12.09
N LYS A 58 8.09 -3.67 10.90
CA LYS A 58 7.49 -4.92 10.39
C LYS A 58 8.42 -5.72 9.48
N ALA A 59 9.68 -5.27 9.40
CA ALA A 59 10.68 -5.90 8.54
C ALA A 59 10.87 -7.40 8.78
N PHE A 60 11.17 -8.11 7.69
CA PHE A 60 11.55 -9.50 7.79
C PHE A 60 13.05 -9.62 8.03
N THR A 61 13.42 -10.54 8.92
CA THR A 61 14.83 -10.85 9.12
C THR A 61 14.98 -12.35 8.97
N LEU A 62 16.22 -12.79 8.78
CA LEU A 62 16.55 -14.21 8.73
C LEU A 62 16.05 -14.96 9.97
N ILE A 63 16.11 -14.30 11.12
CA ILE A 63 15.71 -14.93 12.37
C ILE A 63 14.20 -14.95 12.62
N ASN A 64 13.48 -13.93 12.15
CA ASN A 64 12.06 -13.83 12.49
C ASN A 64 11.14 -14.39 11.43
N THR A 65 11.71 -14.63 10.26
CA THR A 65 10.93 -15.06 9.13
C THR A 65 10.48 -16.51 9.29
N ILE A 66 9.16 -16.71 9.19
CA ILE A 66 8.57 -18.02 9.15
C ILE A 66 8.34 -18.37 7.67
N ASP A 67 9.31 -19.03 7.06
CA ASP A 67 9.20 -19.41 5.66
C ASP A 67 8.41 -20.71 5.54
N PHE A 68 7.56 -20.79 4.53
CA PHE A 68 6.82 -22.01 4.26
C PHE A 68 6.62 -22.25 2.77
N ASP A 69 6.60 -23.53 2.41
CA ASP A 69 6.44 -23.99 1.03
C ASP A 69 5.73 -25.32 1.11
N VAL A 70 4.40 -25.26 1.04
CA VAL A 70 3.58 -26.39 1.44
C VAL A 70 2.96 -27.12 0.26
N GLU A 71 3.18 -28.43 0.25
CA GLU A 71 2.73 -29.30 -0.82
C GLU A 71 2.26 -30.61 -0.18
N ASN A 72 0.99 -30.94 -0.38
CA ASN A 72 0.46 -32.25 0.04
C ASN A 72 0.62 -32.53 1.52
N THR A 73 0.33 -31.53 2.34
CA THR A 73 0.36 -31.66 3.80
C THR A 73 -0.20 -30.40 4.40
N THR A 74 -0.43 -30.42 5.71
CA THR A 74 -0.89 -29.25 6.43
C THR A 74 0.29 -28.74 7.25
N THR A 75 0.59 -27.45 7.18
CA THR A 75 1.75 -26.94 7.93
C THR A 75 1.42 -25.70 8.74
N THR A 76 1.60 -25.82 10.05
CA THR A 76 1.38 -24.73 10.98
C THR A 76 2.36 -23.59 10.70
N ILE A 77 1.83 -22.38 10.58
CA ILE A 77 2.61 -21.17 10.40
C ILE A 77 2.84 -20.56 11.78
N ALA A 78 1.78 -20.52 12.58
CA ALA A 78 1.87 -20.09 13.96
C ALA A 78 0.77 -20.73 14.80
N ASN A 79 1.04 -20.92 16.09
CA ASN A 79 0.01 -21.46 16.97
C ASN A 79 0.08 -20.97 18.41
N THR A 80 0.67 -19.78 18.59
CA THR A 80 0.70 -19.12 19.89
C THR A 80 0.10 -17.72 19.68
N PRO A 81 -0.46 -17.12 20.73
CA PRO A 81 -1.12 -15.81 20.58
C PRO A 81 -0.19 -14.72 20.02
N GLY A 82 -0.74 -13.77 19.28
CA GLY A 82 0.04 -12.68 18.69
C GLY A 82 -0.57 -12.17 17.40
N PHE A 83 -0.02 -11.08 16.86
CA PHE A 83 -0.45 -10.56 15.57
C PHE A 83 0.58 -11.00 14.57
N TYR A 84 0.13 -11.59 13.47
CA TYR A 84 1.06 -12.07 12.46
C TYR A 84 0.83 -11.41 11.11
N LYS A 85 1.92 -11.10 10.43
CA LYS A 85 1.85 -10.68 9.06
C LYS A 85 2.16 -11.91 8.24
N VAL A 86 1.33 -12.21 7.26
CA VAL A 86 1.58 -13.35 6.38
C VAL A 86 1.30 -12.98 4.93
N VAL A 87 2.31 -13.11 4.06
CA VAL A 87 2.17 -12.76 2.64
C VAL A 87 2.68 -13.87 1.75
N GLY A 88 2.21 -13.94 0.51
CA GLY A 88 2.62 -15.03 -0.38
C GLY A 88 1.64 -15.40 -1.48
N ASN A 89 1.75 -16.64 -1.97
CA ASN A 89 0.94 -17.08 -3.07
C ASN A 89 0.45 -18.50 -2.98
N LEU A 90 -0.69 -18.74 -3.65
CA LEU A 90 -1.28 -20.06 -3.82
C LEU A 90 -1.24 -20.40 -5.29
N SER A 91 -1.24 -21.70 -5.62
CA SER A 91 -1.36 -22.14 -7.00
C SER A 91 -2.82 -22.07 -7.41
N SER A 92 -3.15 -21.22 -8.40
CA SER A 92 -4.55 -21.12 -8.78
C SER A 92 -4.94 -22.40 -9.49
N ARG A 93 -6.16 -22.87 -9.22
CA ARG A 93 -6.71 -24.00 -9.94
C ARG A 93 -8.14 -23.63 -10.28
N ASP A 94 -8.73 -24.45 -11.14
CA ASP A 94 -10.12 -24.31 -11.53
C ASP A 94 -10.98 -24.35 -10.26
N GLU A 95 -12.06 -23.57 -10.24
CA GLU A 95 -12.98 -23.58 -9.12
C GLU A 95 -13.62 -24.96 -8.94
N ALA A 96 -13.61 -25.78 -9.99
CA ALA A 96 -14.20 -27.13 -9.91
C ALA A 96 -13.17 -28.19 -9.53
N SER A 97 -11.91 -27.77 -9.36
CA SER A 97 -10.82 -28.68 -9.06
C SER A 97 -10.99 -29.32 -7.70
N GLY A 98 -10.33 -30.46 -7.51
CA GLY A 98 -10.24 -31.07 -6.20
C GLY A 98 -8.93 -30.68 -5.52
N ALA A 99 -8.09 -29.93 -6.24
CA ALA A 99 -6.76 -29.59 -5.72
C ALA A 99 -6.78 -28.29 -4.91
N ILE A 100 -6.50 -28.42 -3.61
CA ILE A 100 -6.71 -27.33 -2.67
C ILE A 100 -5.43 -26.76 -2.07
N ALA A 101 -5.24 -25.45 -2.20
CA ALA A 101 -4.10 -24.77 -1.59
C ALA A 101 -4.60 -23.50 -0.93
N VAL A 102 -4.60 -23.47 0.40
CA VAL A 102 -5.22 -22.39 1.14
C VAL A 102 -4.38 -21.99 2.35
N ILE A 103 -4.61 -20.76 2.82
CA ILE A 103 -4.21 -20.35 4.15
C ILE A 103 -5.47 -20.40 5.01
N GLU A 104 -5.41 -21.07 6.15
CA GLU A 104 -6.58 -21.06 7.01
C GLU A 104 -6.25 -20.81 8.45
N VAL A 105 -7.26 -20.35 9.19
CA VAL A 105 -7.14 -20.17 10.63
C VAL A 105 -8.16 -21.12 11.28
N THR A 106 -7.82 -21.68 12.45
CA THR A 106 -8.67 -22.69 13.09
C THR A 106 -8.45 -22.77 14.59
N ASP A 107 -9.46 -23.26 15.30
CA ASP A 107 -9.29 -23.62 16.70
C ASP A 107 -9.46 -25.11 16.90
N GLY A 108 -9.44 -25.87 15.81
CA GLY A 108 -9.68 -27.29 15.89
C GLY A 108 -11.15 -27.65 15.85
N ILE A 109 -12.03 -26.66 16.08
CA ILE A 109 -13.47 -26.87 15.90
C ILE A 109 -13.94 -26.17 14.62
N THR A 110 -13.72 -24.86 14.56
CA THR A 110 -14.09 -24.05 13.40
C THR A 110 -12.84 -23.67 12.60
N THR A 111 -12.93 -23.76 11.28
CA THR A 111 -11.81 -23.44 10.41
C THR A 111 -12.26 -22.46 9.32
N LYS A 112 -11.62 -21.30 9.26
CA LYS A 112 -11.95 -20.33 8.22
C LYS A 112 -10.77 -20.09 7.29
N ILE A 113 -11.05 -20.22 6.00
CA ILE A 113 -10.08 -19.99 4.94
C ILE A 113 -9.89 -18.50 4.72
N LEU A 114 -8.63 -18.06 4.74
CA LEU A 114 -8.31 -16.64 4.55
C LEU A 114 -7.75 -16.36 3.15
N ALA A 115 -7.35 -17.42 2.44
CA ALA A 115 -6.86 -17.28 1.08
C ALA A 115 -7.13 -18.59 0.36
N ASN A 116 -7.90 -18.50 -0.71
CA ASN A 116 -8.47 -19.65 -1.39
C ASN A 116 -7.90 -19.71 -2.80
N ASN A 117 -7.51 -20.89 -3.28
CA ASN A 117 -6.87 -20.99 -4.60
C ASN A 117 -7.81 -21.41 -5.74
N ARG A 118 -8.96 -21.97 -5.40
CA ARG A 118 -9.86 -22.56 -6.39
C ARG A 118 -10.82 -21.52 -6.97
N ILE A 119 -10.31 -20.69 -7.88
CA ILE A 119 -10.99 -19.46 -8.25
C ILE A 119 -11.20 -19.27 -9.75
N VAL A 120 -10.39 -19.94 -10.57
CA VAL A 120 -10.44 -19.63 -11.99
C VAL A 120 -11.59 -20.36 -12.69
N SER A 121 -12.07 -19.79 -13.79
CA SER A 121 -13.25 -20.29 -14.48
C SER A 121 -13.01 -20.24 -15.99
N PRO A 122 -12.19 -21.17 -16.50
CA PRO A 122 -11.86 -21.24 -17.92
C PRO A 122 -13.09 -21.63 -18.73
N ASP A 123 -13.12 -21.27 -20.01
CA ASP A 123 -14.28 -21.57 -20.83
C ASP A 123 -13.84 -22.01 -22.22
N GLY A 124 -14.41 -23.10 -22.72
CA GLY A 124 -14.06 -23.61 -24.04
C GLY A 124 -12.67 -24.21 -24.12
N THR A 125 -12.12 -24.63 -22.97
CA THR A 125 -10.87 -25.39 -22.93
C THR A 125 -10.74 -26.19 -21.65
N THR A 126 -9.98 -27.29 -21.68
CA THR A 126 -9.66 -28.07 -20.49
C THR A 126 -8.16 -27.97 -20.22
N ALA A 127 -7.46 -27.20 -21.04
CA ALA A 127 -6.07 -26.88 -20.80
C ALA A 127 -6.10 -25.61 -19.98
N VAL A 128 -5.97 -25.76 -18.66
CA VAL A 128 -6.27 -24.69 -17.73
C VAL A 128 -5.00 -24.08 -17.15
N GLN A 129 -4.65 -22.90 -17.67
CA GLN A 129 -3.48 -22.17 -17.19
C GLN A 129 -3.67 -21.74 -15.75
N SER A 130 -2.55 -21.64 -15.03
CA SER A 130 -2.57 -21.30 -13.61
C SER A 130 -1.64 -20.14 -13.31
N VAL A 131 -2.03 -19.30 -12.35
CA VAL A 131 -1.24 -18.13 -11.95
C VAL A 131 -1.11 -18.13 -10.43
N PRO A 132 -0.18 -17.34 -9.87
CA PRO A 132 -0.17 -17.20 -8.42
C PRO A 132 -1.40 -16.43 -7.94
N VAL A 133 -1.94 -16.83 -6.78
CA VAL A 133 -2.97 -16.06 -6.12
C VAL A 133 -2.36 -15.43 -4.88
N PRO A 134 -2.08 -14.11 -4.93
CA PRO A 134 -1.39 -13.48 -3.80
C PRO A 134 -2.30 -13.31 -2.59
N PHE A 135 -1.72 -13.39 -1.41
CA PHE A 135 -2.44 -12.99 -0.20
C PHE A 135 -1.51 -12.13 0.59
N ASP A 136 -2.07 -11.29 1.46
CA ASP A 136 -1.28 -10.38 2.28
C ASP A 136 -2.15 -10.03 3.46
N LEU A 137 -1.88 -10.63 4.62
CA LEU A 137 -2.84 -10.59 5.70
C LEU A 137 -2.23 -10.19 7.04
N MET A 138 -3.06 -9.58 7.86
CA MET A 138 -2.70 -9.39 9.24
C MET A 138 -3.66 -10.27 10.01
N VAL A 139 -3.09 -11.18 10.78
CA VAL A 139 -3.87 -12.14 11.53
C VAL A 139 -3.51 -12.10 13.02
N LYS A 140 -4.53 -11.95 13.87
CA LYS A 140 -4.34 -12.06 15.31
C LYS A 140 -4.85 -13.43 15.82
N LEU A 141 -4.00 -14.11 16.58
CA LEU A 141 -4.37 -15.40 17.17
C LEU A 141 -4.49 -15.26 18.67
N VAL A 142 -5.52 -15.87 19.26
CA VAL A 142 -5.56 -16.01 20.71
C VAL A 142 -5.27 -17.46 21.10
N ALA A 143 -5.22 -17.71 22.42
CA ALA A 143 -4.94 -19.04 22.95
C ALA A 143 -5.76 -20.11 22.26
N GLY A 144 -5.08 -21.13 21.74
CA GLY A 144 -5.77 -22.20 21.04
C GLY A 144 -5.98 -21.99 19.55
N ASP A 145 -5.70 -20.79 19.03
CA ASP A 145 -5.80 -20.57 17.59
C ASP A 145 -4.54 -21.04 16.88
N THR A 146 -4.74 -21.64 15.70
CA THR A 146 -3.64 -22.02 14.83
C THR A 146 -3.81 -21.36 13.46
N LEU A 147 -2.73 -20.80 12.94
CA LEU A 147 -2.71 -20.27 11.56
C LEU A 147 -1.95 -21.26 10.68
N GLN A 148 -2.56 -21.73 9.62
CA GLN A 148 -1.90 -22.78 8.86
C GLN A 148 -2.02 -22.66 7.36
N ALA A 149 -1.10 -23.33 6.68
CA ALA A 149 -1.15 -23.48 5.25
C ALA A 149 -1.42 -24.95 4.95
N ARG A 150 -2.32 -25.20 4.01
CA ARG A 150 -2.70 -26.56 3.68
C ARG A 150 -2.79 -26.81 2.19
N SER A 151 -2.06 -27.81 1.72
CA SER A 151 -2.22 -28.33 0.36
C SER A 151 -2.63 -29.80 0.42
N ASN A 152 -3.68 -30.16 -0.33
CA ASN A 152 -4.19 -31.54 -0.33
C ASN A 152 -3.70 -32.33 -1.55
N ASN A 153 -2.73 -31.77 -2.26
CA ASN A 153 -2.25 -32.40 -3.47
C ASN A 153 -0.84 -31.96 -3.78
N ALA A 154 -0.05 -32.83 -4.39
CA ALA A 154 1.36 -32.52 -4.66
C ALA A 154 1.51 -31.54 -5.83
N GLU A 155 0.44 -31.30 -6.56
CA GLU A 155 0.48 -30.41 -7.72
C GLU A 155 0.23 -28.96 -7.36
N VAL A 156 -0.21 -28.69 -6.14
CA VAL A 156 -0.50 -27.31 -5.75
C VAL A 156 0.24 -26.89 -4.47
N ARG A 157 0.67 -25.63 -4.46
CA ARG A 157 1.54 -25.10 -3.40
C ARG A 157 0.91 -23.93 -2.64
N VAL A 158 1.28 -23.84 -1.36
CA VAL A 158 1.07 -22.63 -0.58
C VAL A 158 2.44 -22.15 -0.17
N GLN A 159 2.86 -21.03 -0.75
CA GLN A 159 4.18 -20.48 -0.47
C GLN A 159 4.08 -19.08 0.12
N GLY A 160 5.02 -18.73 0.99
CA GLY A 160 5.02 -17.42 1.59
C GLY A 160 5.95 -17.24 2.77
N ILE A 161 5.74 -16.17 3.50
CA ILE A 161 6.55 -15.86 4.66
C ILE A 161 5.63 -15.22 5.67
N ALA A 162 5.92 -15.42 6.94
CA ALA A 162 5.18 -14.73 7.98
C ALA A 162 6.12 -14.30 9.10
N ARG A 163 5.63 -13.45 9.99
CA ARG A 163 6.36 -13.12 11.19
C ARG A 163 5.44 -12.53 12.24
N GLN A 164 5.87 -12.59 13.49
CA GLN A 164 5.09 -11.99 14.55
C GLN A 164 5.38 -10.50 14.62
N ILE A 165 4.33 -9.70 14.46
CA ILE A 165 4.42 -8.24 14.52
C ILE A 165 4.24 -7.71 15.95
N ALA A 166 3.41 -8.39 16.74
CA ALA A 166 3.07 -7.94 18.08
C ALA A 166 2.65 -9.10 18.98
N ASP A 167 2.79 -8.93 20.29
CA ASP A 167 2.23 -9.90 21.22
C ASP A 167 0.71 -9.73 21.23
N VAL A 168 0.00 -10.62 21.93
CA VAL A 168 -1.46 -10.61 21.90
C VAL A 168 -2.07 -9.30 22.44
N SER A 169 -1.28 -8.57 23.21
CA SER A 169 -1.82 -7.32 23.78
CA SER A 169 -1.76 -7.30 23.78
C SER A 169 -1.60 -6.06 22.92
N GLY A 170 -0.84 -6.24 21.83
CA GLY A 170 -0.58 -5.15 20.91
C GLY A 170 0.77 -4.50 21.09
N ASN A 171 1.61 -5.08 21.95
CA ASN A 171 2.96 -4.56 22.13
C ASN A 171 3.84 -5.01 20.98
N LEU A 172 4.51 -4.06 20.34
CA LEU A 172 5.25 -4.36 19.12
C LEU A 172 6.52 -5.14 19.39
N ILE A 173 6.92 -5.91 18.41
CA ILE A 173 8.11 -6.74 18.48
C ILE A 173 9.13 -6.20 17.48
N ASN A 174 10.32 -5.86 17.96
CA ASN A 174 11.34 -5.28 17.09
C ASN A 174 11.86 -6.33 16.11
N PRO A 175 12.17 -5.91 14.88
CA PRO A 175 12.63 -6.85 13.85
C PRO A 175 14.03 -7.40 14.15
N ARG B 12 18.53 28.85 9.48
CA ARG B 12 17.44 28.17 8.81
C ARG B 12 16.23 28.01 9.73
N ASP B 13 15.43 29.21 9.74
CA ASP B 13 14.34 29.45 10.67
C ASP B 13 12.99 29.51 9.96
N LYS B 14 12.31 28.36 9.91
CA LYS B 14 10.96 28.27 9.37
C LYS B 14 9.99 28.82 10.41
N LEU B 15 10.53 29.11 11.59
CA LEU B 15 9.76 29.66 12.70
C LEU B 15 9.18 31.03 12.33
N ASN B 16 9.85 31.72 11.42
CA ASN B 16 9.40 33.03 11.00
C ASN B 16 8.18 32.97 10.09
N THR B 17 8.14 31.98 9.18
CA THR B 17 6.99 31.83 8.30
C THR B 17 5.66 31.35 8.93
N LEU B 18 5.72 30.31 9.77
CA LEU B 18 4.52 29.77 10.41
C LEU B 18 3.92 30.72 11.43
N LEU B 19 4.81 31.32 12.20
CA LEU B 19 4.54 32.26 13.24
C LEU B 19 4.89 33.69 12.81
N PRO B 20 4.12 34.24 11.90
CA PRO B 20 4.42 35.60 11.46
C PRO B 20 4.73 36.52 12.64
N SER B 32 16.78 29.60 20.60
CA SER B 32 18.15 29.41 21.05
C SER B 32 18.44 27.94 21.25
N GLY B 33 17.63 27.31 22.10
CA GLY B 33 17.81 25.90 22.39
C GLY B 33 18.14 25.64 23.85
N SER B 34 17.35 24.76 24.46
CA SER B 34 17.57 24.34 25.83
C SER B 34 18.23 22.97 25.85
N THR B 35 19.00 22.72 26.90
CA THR B 35 19.69 21.45 27.06
C THR B 35 18.96 20.58 28.10
N THR B 36 17.67 20.88 28.31
CA THR B 36 16.83 20.09 29.20
C THR B 36 15.60 19.59 28.44
N ILE B 37 15.49 18.28 28.29
CA ILE B 37 14.35 17.68 27.60
C ILE B 37 13.12 17.67 28.51
N ILE B 38 12.03 18.25 28.03
CA ILE B 38 10.79 18.31 28.79
C ILE B 38 9.77 17.29 28.27
N PRO B 39 9.29 16.41 29.16
CA PRO B 39 8.28 15.41 28.78
C PRO B 39 6.93 16.08 28.56
N VAL B 40 6.23 15.70 27.49
CA VAL B 40 4.96 16.34 27.16
C VAL B 40 3.88 15.32 26.89
N VAL B 41 2.65 15.80 26.87
CA VAL B 41 1.50 15.00 26.43
C VAL B 41 0.64 15.86 25.52
N ASP B 42 0.26 15.33 24.37
CA ASP B 42 -0.44 16.11 23.35
C ASP B 42 -1.96 15.97 23.49
N LEU B 43 -2.64 17.12 23.53
CA LEU B 43 -4.09 17.17 23.70
C LEU B 43 -4.81 17.63 22.44
N THR B 44 -4.13 17.60 21.30
CA THR B 44 -4.69 18.15 20.06
C THR B 44 -5.92 17.39 19.58
N GLU B 45 -5.80 16.07 19.45
CA GLU B 45 -6.90 15.22 19.02
C GLU B 45 -8.11 15.35 19.93
N THR B 46 -7.85 15.30 21.24
CA THR B 46 -8.89 15.43 22.25
C THR B 46 -9.62 16.76 22.11
N ALA B 47 -8.87 17.83 21.92
CA ALA B 47 -9.43 19.16 21.82
C ALA B 47 -10.15 19.37 20.49
N GLN B 52 -11.61 11.18 12.68
CA GLN B 52 -11.86 10.37 11.49
C GLN B 52 -10.58 9.79 10.93
N ARG B 53 -10.57 8.48 10.69
CA ARG B 53 -9.40 7.80 10.16
C ARG B 53 -9.54 7.70 8.64
N GLU B 54 -8.41 7.78 7.94
CA GLU B 54 -8.40 7.88 6.49
C GLU B 54 -9.19 6.77 5.80
N ASP B 55 -8.95 5.53 6.21
CA ASP B 55 -9.58 4.39 5.56
C ASP B 55 -11.09 4.42 5.73
N LEU B 56 -11.56 4.84 6.90
CA LEU B 56 -12.98 4.96 7.16
C LEU B 56 -13.60 6.14 6.40
N GLN B 57 -12.90 7.27 6.42
CA GLN B 57 -13.38 8.48 5.76
C GLN B 57 -13.62 8.24 4.26
N LYS B 58 -12.80 7.38 3.66
CA LYS B 58 -12.86 7.15 2.22
C LYS B 58 -13.78 6.00 1.81
N ALA B 59 -14.54 5.48 2.75
CA ALA B 59 -15.36 4.29 2.48
C ALA B 59 -16.38 4.49 1.38
N PHE B 60 -16.71 3.40 0.70
CA PHE B 60 -17.75 3.42 -0.30
C PHE B 60 -19.08 3.09 0.36
N THR B 61 -20.13 3.79 -0.03
CA THR B 61 -21.48 3.45 0.40
C THR B 61 -22.34 3.27 -0.84
N LEU B 62 -23.53 2.74 -0.65
CA LEU B 62 -24.51 2.64 -1.73
C LEU B 62 -24.81 4.02 -2.33
N ILE B 63 -24.87 5.03 -1.46
CA ILE B 63 -25.24 6.37 -1.88
C ILE B 63 -24.12 7.17 -2.57
N ASN B 64 -22.87 6.99 -2.14
CA ASN B 64 -21.81 7.83 -2.67
C ASN B 64 -21.10 7.21 -3.86
N THR B 65 -21.36 5.92 -4.06
CA THR B 65 -20.65 5.16 -5.06
C THR B 65 -21.10 5.50 -6.45
N ILE B 66 -20.12 5.84 -7.29
CA ILE B 66 -20.34 6.04 -8.72
C ILE B 66 -19.89 4.77 -9.42
N ASP B 67 -20.82 3.87 -9.69
CA ASP B 67 -20.50 2.61 -10.33
C ASP B 67 -20.57 2.81 -11.81
N PHE B 68 -19.72 2.12 -12.55
CA PHE B 68 -19.75 2.21 -14.00
C PHE B 68 -19.33 0.89 -14.62
N ASP B 69 -19.86 0.63 -15.80
CA ASP B 69 -19.57 -0.60 -16.55
C ASP B 69 -19.72 -0.16 -17.98
N VAL B 70 -18.61 0.22 -18.61
CA VAL B 70 -18.70 0.96 -19.86
C VAL B 70 -18.34 0.13 -21.08
N GLU B 71 -19.26 0.12 -22.05
CA GLU B 71 -19.14 -0.66 -23.27
C GLU B 71 -19.55 0.16 -24.48
N ASN B 72 -18.66 0.27 -25.47
CA ASN B 72 -18.94 0.97 -26.72
C ASN B 72 -19.60 2.34 -26.53
N THR B 73 -19.08 3.12 -25.60
CA THR B 73 -19.62 4.45 -25.34
C THR B 73 -18.70 5.20 -24.40
N THR B 74 -18.95 6.48 -24.22
CA THR B 74 -18.14 7.32 -23.34
C THR B 74 -19.00 7.76 -22.18
N THR B 75 -18.54 7.48 -20.96
CA THR B 75 -19.36 7.73 -19.78
C THR B 75 -18.61 8.57 -18.75
N THR B 76 -19.24 9.66 -18.35
CA THR B 76 -18.66 10.59 -17.38
C THR B 76 -18.75 10.01 -15.97
N ILE B 77 -17.61 9.86 -15.33
CA ILE B 77 -17.57 9.44 -13.95
C ILE B 77 -17.87 10.64 -13.05
N ALA B 78 -17.27 11.77 -13.40
CA ALA B 78 -17.45 13.02 -12.66
C ALA B 78 -17.04 14.20 -13.52
N ASN B 79 -17.76 15.32 -13.40
CA ASN B 79 -17.38 16.57 -14.06
C ASN B 79 -17.59 17.84 -13.22
N THR B 80 -17.51 17.70 -11.90
CA THR B 80 -17.58 18.85 -11.00
C THR B 80 -16.34 18.84 -10.10
N PRO B 81 -15.81 20.02 -9.75
CA PRO B 81 -14.56 20.17 -9.01
C PRO B 81 -14.49 19.36 -7.72
N GLY B 82 -13.31 18.83 -7.40
CA GLY B 82 -13.13 18.02 -6.21
C GLY B 82 -12.08 16.92 -6.41
N PHE B 83 -11.83 16.15 -5.36
CA PHE B 83 -10.94 15.00 -5.50
C PHE B 83 -11.77 13.74 -5.61
N TYR B 84 -11.37 12.84 -6.51
CA TYR B 84 -12.11 11.60 -6.65
C TYR B 84 -11.21 10.42 -6.50
N LYS B 85 -11.73 9.36 -5.90
CA LYS B 85 -11.04 8.08 -5.87
C LYS B 85 -11.72 7.21 -6.89
N VAL B 86 -10.96 6.61 -7.78
CA VAL B 86 -11.56 5.76 -8.81
C VAL B 86 -10.73 4.49 -9.00
N VAL B 87 -11.37 3.34 -8.81
CA VAL B 87 -10.68 2.07 -8.90
C VAL B 87 -11.48 1.11 -9.79
N GLY B 88 -10.79 0.20 -10.46
CA GLY B 88 -11.46 -0.75 -11.33
C GLY B 88 -10.54 -1.47 -12.29
N ASN B 89 -11.09 -1.93 -13.41
CA ASN B 89 -10.35 -2.71 -14.39
C ASN B 89 -10.74 -2.37 -15.82
N LEU B 90 -9.78 -2.58 -16.71
CA LEU B 90 -10.01 -2.46 -18.14
C LEU B 90 -9.83 -3.83 -18.77
N SER B 91 -10.46 -4.04 -19.92
CA SER B 91 -10.23 -5.25 -20.69
C SER B 91 -8.92 -5.13 -21.44
N SER B 92 -7.93 -5.94 -21.10
CA SER B 92 -6.67 -5.87 -21.82
C SER B 92 -6.84 -6.25 -23.27
N ARG B 93 -6.07 -5.59 -24.14
CA ARG B 93 -6.01 -5.98 -25.55
C ARG B 93 -4.57 -5.84 -26.02
N ASP B 94 -4.28 -6.45 -27.16
CA ASP B 94 -3.00 -6.32 -27.82
C ASP B 94 -2.70 -4.83 -27.99
N GLU B 95 -1.42 -4.45 -27.86
CA GLU B 95 -1.05 -3.05 -28.03
C GLU B 95 -1.31 -2.58 -29.45
N ALA B 96 -1.45 -3.52 -30.39
CA ALA B 96 -1.74 -3.18 -31.79
C ALA B 96 -3.22 -3.12 -32.06
N SER B 97 -4.03 -3.51 -31.07
CA SER B 97 -5.49 -3.56 -31.25
C SER B 97 -6.11 -2.20 -31.50
N GLY B 98 -7.28 -2.21 -32.11
CA GLY B 98 -8.10 -1.02 -32.29
C GLY B 98 -9.13 -0.87 -31.17
N ALA B 99 -9.27 -1.87 -30.31
CA ALA B 99 -10.23 -1.79 -29.20
C ALA B 99 -9.68 -1.01 -28.02
N ILE B 100 -10.33 0.12 -27.71
CA ILE B 100 -9.83 1.02 -26.69
C ILE B 100 -10.73 1.03 -25.46
N ALA B 101 -10.15 0.81 -24.29
CA ALA B 101 -10.89 0.92 -23.04
C ALA B 101 -10.01 1.68 -22.05
N VAL B 102 -10.41 2.91 -21.70
CA VAL B 102 -9.53 3.78 -20.92
C VAL B 102 -10.26 4.60 -19.86
N ILE B 103 -9.48 5.03 -18.88
CA ILE B 103 -9.86 6.08 -17.96
C ILE B 103 -9.12 7.33 -18.45
N GLU B 104 -9.81 8.45 -18.56
CA GLU B 104 -9.10 9.62 -19.05
C GLU B 104 -9.64 10.89 -18.42
N VAL B 105 -8.82 11.93 -18.43
CA VAL B 105 -9.23 13.22 -17.94
C VAL B 105 -9.15 14.23 -19.10
N THR B 106 -10.20 15.02 -19.27
CA THR B 106 -10.23 16.00 -20.35
C THR B 106 -10.90 17.30 -19.93
N ASP B 107 -10.66 18.33 -20.72
CA ASP B 107 -11.36 19.60 -20.58
C ASP B 107 -11.96 19.98 -21.92
N GLY B 108 -11.95 19.03 -22.85
CA GLY B 108 -12.53 19.23 -24.15
C GLY B 108 -11.53 19.79 -25.13
N ILE B 109 -10.31 20.04 -24.65
CA ILE B 109 -9.22 20.55 -25.50
C ILE B 109 -8.06 19.58 -25.44
N THR B 110 -7.68 19.24 -24.22
CA THR B 110 -6.56 18.35 -23.93
C THR B 110 -7.14 17.12 -23.27
N THR B 111 -6.72 15.94 -23.70
CA THR B 111 -7.16 14.70 -23.06
C THR B 111 -5.95 13.89 -22.66
N LYS B 112 -5.90 13.43 -21.42
CA LYS B 112 -4.80 12.58 -20.97
C LYS B 112 -5.32 11.26 -20.43
N ILE B 113 -4.71 10.17 -20.89
CA ILE B 113 -5.15 8.84 -20.47
C ILE B 113 -4.54 8.45 -19.12
N LEU B 114 -5.39 8.03 -18.19
CA LEU B 114 -4.93 7.68 -16.84
C LEU B 114 -4.80 6.17 -16.62
N ALA B 115 -5.46 5.40 -17.47
CA ALA B 115 -5.34 3.94 -17.42
C ALA B 115 -5.63 3.41 -18.80
N ASN B 116 -4.71 2.62 -19.32
CA ASN B 116 -4.69 2.19 -20.71
C ASN B 116 -4.80 0.67 -20.79
N ASN B 117 -5.66 0.17 -21.68
CA ASN B 117 -5.88 -1.26 -21.83
C ASN B 117 -5.05 -1.94 -22.93
N ARG B 118 -4.53 -1.15 -23.87
CA ARG B 118 -3.83 -1.72 -25.03
C ARG B 118 -2.34 -1.89 -24.74
N ILE B 119 -2.03 -2.92 -23.97
CA ILE B 119 -0.73 -3.08 -23.35
C ILE B 119 -0.06 -4.42 -23.67
N VAL B 120 -0.83 -5.46 -24.00
CA VAL B 120 -0.23 -6.79 -24.10
C VAL B 120 0.47 -7.01 -25.46
N SER B 121 1.46 -7.90 -25.46
CA SER B 121 2.29 -8.14 -26.63
C SER B 121 2.56 -9.63 -26.79
N PRO B 122 1.54 -10.39 -27.23
CA PRO B 122 1.73 -11.83 -27.40
C PRO B 122 2.68 -12.08 -28.55
N ASP B 123 3.37 -13.22 -28.53
CA ASP B 123 4.30 -13.56 -29.57
C ASP B 123 4.14 -15.01 -30.02
N GLY B 124 4.20 -15.23 -31.33
CA GLY B 124 4.09 -16.57 -31.86
C GLY B 124 2.67 -17.09 -31.79
N THR B 125 1.71 -16.17 -31.73
CA THR B 125 0.29 -16.57 -31.76
C THR B 125 -0.65 -15.44 -32.08
N THR B 126 -1.79 -15.76 -32.68
CA THR B 126 -2.84 -14.76 -32.90
C THR B 126 -4.04 -15.03 -31.98
N ALA B 127 -3.88 -16.00 -31.08
CA ALA B 127 -4.87 -16.25 -30.03
C ALA B 127 -4.48 -15.47 -28.78
N VAL B 128 -5.12 -14.33 -28.56
CA VAL B 128 -4.63 -13.38 -27.58
C VAL B 128 -5.51 -13.36 -26.35
N GLN B 129 -5.06 -14.09 -25.33
CA GLN B 129 -5.70 -14.08 -24.03
C GLN B 129 -5.69 -12.68 -23.45
N SER B 130 -6.70 -12.37 -22.65
CA SER B 130 -6.86 -11.04 -22.06
C SER B 130 -7.01 -11.11 -20.53
N VAL B 131 -6.48 -10.13 -19.82
CA VAL B 131 -6.65 -10.06 -18.38
C VAL B 131 -7.23 -8.70 -17.96
N PRO B 132 -7.73 -8.58 -16.73
CA PRO B 132 -8.09 -7.24 -16.27
C PRO B 132 -6.83 -6.40 -16.07
N VAL B 133 -6.89 -5.12 -16.44
CA VAL B 133 -5.83 -4.18 -16.13
C VAL B 133 -6.34 -3.25 -15.03
N PRO B 134 -5.87 -3.47 -13.80
CA PRO B 134 -6.37 -2.70 -12.63
C PRO B 134 -5.88 -1.26 -12.61
N PHE B 135 -6.73 -0.35 -12.14
CA PHE B 135 -6.32 1.01 -11.81
C PHE B 135 -6.87 1.42 -10.46
N ASP B 136 -6.12 2.27 -9.76
CA ASP B 136 -6.49 2.79 -8.45
C ASP B 136 -5.94 4.21 -8.39
N LEU B 137 -6.79 5.20 -8.59
CA LEU B 137 -6.33 6.57 -8.82
C LEU B 137 -6.96 7.57 -7.87
N MET B 138 -6.20 8.60 -7.54
CA MET B 138 -6.76 9.80 -6.94
C MET B 138 -6.64 10.94 -7.96
N VAL B 139 -7.78 11.49 -8.35
CA VAL B 139 -7.82 12.51 -9.39
C VAL B 139 -8.49 13.78 -8.86
N LYS B 140 -7.82 14.91 -9.01
CA LYS B 140 -8.44 16.19 -8.68
C LYS B 140 -8.94 16.90 -9.93
N LEU B 141 -10.22 17.26 -9.93
CA LEU B 141 -10.77 18.02 -11.03
C LEU B 141 -11.01 19.44 -10.56
N VAL B 142 -10.69 20.41 -11.42
CA VAL B 142 -11.07 21.80 -11.20
C VAL B 142 -12.10 22.20 -12.24
N ALA B 143 -12.53 23.45 -12.19
CA ALA B 143 -13.59 23.97 -13.05
C ALA B 143 -13.45 23.53 -14.51
N GLY B 144 -14.47 22.87 -15.02
CA GLY B 144 -14.48 22.46 -16.42
C GLY B 144 -13.75 21.16 -16.74
N ASP B 145 -13.18 20.49 -15.74
CA ASP B 145 -12.58 19.19 -15.98
C ASP B 145 -13.63 18.08 -15.94
N THR B 146 -13.38 17.03 -16.72
CA THR B 146 -14.23 15.84 -16.73
C THR B 146 -13.40 14.55 -16.58
N LEU B 147 -13.78 13.71 -15.63
CA LEU B 147 -13.18 12.38 -15.53
C LEU B 147 -14.13 11.39 -16.19
N GLN B 148 -13.62 10.60 -17.13
CA GLN B 148 -14.50 9.74 -17.91
C GLN B 148 -13.92 8.38 -18.27
N ALA B 149 -14.83 7.44 -18.52
CA ALA B 149 -14.48 6.10 -18.92
C ALA B 149 -14.88 5.94 -20.37
N ARG B 150 -14.03 5.34 -21.18
CA ARG B 150 -14.35 5.26 -22.60
C ARG B 150 -14.01 3.93 -23.21
N SER B 151 -14.98 3.38 -23.93
CA SER B 151 -14.79 2.19 -24.72
C SER B 151 -15.28 2.47 -26.14
N ASN B 152 -14.47 2.16 -27.13
CA ASN B 152 -14.83 2.42 -28.53
C ASN B 152 -15.32 1.17 -29.24
N ASN B 153 -15.59 0.12 -28.48
CA ASN B 153 -15.92 -1.18 -29.05
C ASN B 153 -16.70 -2.04 -28.06
N ALA B 154 -17.64 -2.82 -28.58
CA ALA B 154 -18.48 -3.64 -27.71
C ALA B 154 -17.72 -4.77 -27.02
N GLU B 155 -16.49 -5.04 -27.46
CA GLU B 155 -15.72 -6.16 -26.92
C GLU B 155 -14.88 -5.83 -25.68
N VAL B 156 -14.70 -4.54 -25.39
CA VAL B 156 -13.87 -4.15 -24.26
C VAL B 156 -14.58 -3.21 -23.29
N ARG B 157 -14.26 -3.36 -22.01
CA ARG B 157 -15.00 -2.65 -20.96
C ARG B 157 -14.10 -1.84 -20.03
N VAL B 158 -14.68 -0.77 -19.50
CA VAL B 158 -14.11 -0.07 -18.36
C VAL B 158 -15.10 -0.28 -17.22
N GLN B 159 -14.67 -0.97 -16.18
CA GLN B 159 -15.53 -1.21 -15.04
C GLN B 159 -14.86 -0.76 -13.77
N GLY B 160 -15.67 -0.31 -12.82
CA GLY B 160 -15.11 0.09 -11.55
C GLY B 160 -16.06 1.02 -10.83
N ILE B 161 -15.54 1.64 -9.78
CA ILE B 161 -16.35 2.49 -8.92
C ILE B 161 -15.56 3.72 -8.56
N ALA B 162 -16.27 4.76 -8.16
CA ALA B 162 -15.62 5.99 -7.74
C ALA B 162 -16.43 6.65 -6.65
N ARG B 163 -15.79 7.56 -5.93
CA ARG B 163 -16.54 8.47 -5.07
C ARG B 163 -15.77 9.76 -4.84
N GLN B 164 -16.50 10.82 -4.50
CA GLN B 164 -15.86 12.09 -4.21
C GLN B 164 -15.32 12.03 -2.79
N ILE B 165 -14.01 12.29 -2.65
CA ILE B 165 -13.31 12.20 -1.39
C ILE B 165 -13.30 13.53 -0.64
N ALA B 166 -13.17 14.62 -1.38
CA ALA B 166 -13.08 15.95 -0.77
C ALA B 166 -13.57 16.99 -1.76
N ASP B 167 -13.80 18.21 -1.28
CA ASP B 167 -14.15 19.28 -2.23
C ASP B 167 -12.86 19.82 -2.86
N VAL B 168 -13.01 20.80 -3.75
CA VAL B 168 -11.87 21.30 -4.52
C VAL B 168 -10.87 22.01 -3.59
N SER B 169 -11.33 22.43 -2.42
CA SER B 169 -10.49 23.14 -1.47
C SER B 169 -9.80 22.18 -0.51
N GLY B 170 -10.12 20.90 -0.63
CA GLY B 170 -9.48 19.88 0.18
C GLY B 170 -10.21 19.52 1.46
N ASN B 171 -11.40 20.08 1.66
CA ASN B 171 -12.28 19.71 2.77
C ASN B 171 -12.88 18.33 2.58
N LEU B 172 -12.72 17.46 3.58
CA LEU B 172 -13.14 16.07 3.44
C LEU B 172 -14.65 15.93 3.45
N ILE B 173 -15.12 14.92 2.72
CA ILE B 173 -16.53 14.58 2.67
C ILE B 173 -16.74 13.25 3.40
N ASN B 174 -17.71 13.24 4.31
CA ASN B 174 -17.97 12.04 5.09
C ASN B 174 -18.68 10.98 4.26
N PRO B 175 -18.36 9.70 4.50
CA PRO B 175 -18.96 8.60 3.74
C PRO B 175 -20.43 8.40 4.10
N GLN C 2 0.50 26.13 38.11
CA GLN C 2 0.42 25.23 39.25
C GLN C 2 0.88 23.84 38.89
N GLN C 3 1.19 23.04 39.90
CA GLN C 3 1.73 21.70 39.69
C GLN C 3 0.82 20.67 40.36
N PHE C 4 0.91 19.42 39.93
CA PHE C 4 0.17 18.35 40.57
C PHE C 4 0.91 17.02 40.41
N ARG C 5 0.93 16.22 41.47
CA ARG C 5 1.67 14.96 41.47
C ARG C 5 1.00 13.89 40.62
N ILE C 6 1.82 13.12 39.91
CA ILE C 6 1.32 12.01 39.11
C ILE C 6 1.78 10.68 39.70
N ASP C 7 0.83 9.81 40.02
CA ASP C 7 1.16 8.50 40.57
C ASP C 7 0.38 7.37 39.89
C GLU C 9 3.68 3.37 35.75
N SER C 10 2.95 3.24 34.65
CA SER C 10 3.52 3.15 33.30
C SER C 10 4.42 4.33 32.92
N ILE C 11 3.95 5.56 33.16
CA ILE C 11 4.67 6.76 32.73
C ILE C 11 6.05 6.87 33.37
N ARG C 12 6.15 6.52 34.64
CA ARG C 12 7.43 6.58 35.35
C ARG C 12 8.44 5.63 34.73
N ASP C 13 7.99 4.42 34.40
CA ASP C 13 8.85 3.44 33.75
C ASP C 13 9.31 3.92 32.38
N LYS C 14 8.38 4.55 31.65
CA LYS C 14 8.66 5.04 30.31
C LYS C 14 9.72 6.14 30.31
N LEU C 15 9.63 7.03 31.28
CA LEU C 15 10.55 8.17 31.34
C LEU C 15 11.97 7.71 31.64
N ASN C 16 12.10 6.75 32.57
CA ASN C 16 13.39 6.17 32.90
C ASN C 16 13.97 5.40 31.72
N THR C 17 13.12 4.64 31.04
CA THR C 17 13.54 3.91 29.85
C THR C 17 13.93 4.88 28.73
N LEU C 18 13.03 5.81 28.43
CA LEU C 18 13.25 6.78 27.35
C LEU C 18 14.43 7.71 27.64
N LEU C 19 14.43 8.32 28.82
CA LEU C 19 15.50 9.25 29.18
C LEU C 19 16.32 8.80 30.38
N PRO C 20 17.33 7.93 30.13
CA PRO C 20 18.20 7.38 31.18
C PRO C 20 18.98 8.45 31.91
N LEU C 31 7.80 12.87 39.99
CA LEU C 31 6.94 12.79 38.81
C LEU C 31 5.71 13.69 38.96
N SER C 32 5.55 14.63 38.05
CA SER C 32 4.44 15.59 38.18
C SER C 32 3.86 16.05 36.84
N GLY C 33 2.79 16.84 36.94
CA GLY C 33 2.11 17.36 35.77
C GLY C 33 1.82 18.84 35.89
N SER C 34 1.50 19.46 34.77
CA SER C 34 1.18 20.88 34.74
C SER C 34 -0.29 21.08 34.43
N THR C 35 -0.81 22.24 34.80
CA THR C 35 -2.21 22.56 34.56
C THR C 35 -2.34 23.54 33.40
N THR C 36 -1.27 24.27 33.13
CA THR C 36 -1.27 25.23 32.02
C THR C 36 -0.92 24.55 30.71
N ILE C 37 -1.89 24.49 29.80
CA ILE C 37 -1.66 23.88 28.50
C ILE C 37 -0.88 24.81 27.58
N ILE C 38 0.24 24.32 27.06
CA ILE C 38 1.16 25.14 26.27
C ILE C 38 0.97 24.94 24.77
N PRO C 39 0.70 26.02 24.03
CA PRO C 39 0.63 25.90 22.57
C PRO C 39 2.03 25.84 21.96
N VAL C 40 2.26 24.93 21.01
CA VAL C 40 3.60 24.77 20.43
C VAL C 40 3.63 24.43 18.94
N VAL C 41 4.76 24.75 18.29
CA VAL C 41 5.00 24.38 16.90
C VAL C 41 6.20 23.42 16.82
N ASP C 42 6.09 22.42 15.95
CA ASP C 42 7.12 21.38 15.84
C ASP C 42 7.95 21.57 14.56
N LEU C 43 9.27 21.65 14.74
CA LEU C 43 10.18 21.93 13.65
C LEU C 43 11.13 20.77 13.40
N THR C 44 10.83 19.60 13.97
CA THR C 44 11.70 18.44 13.86
C THR C 44 12.02 18.05 12.41
N GLU C 45 11.02 18.07 11.54
CA GLU C 45 11.27 17.72 10.13
C GLU C 45 12.12 18.77 9.42
N THR C 46 11.86 20.04 9.73
CA THR C 46 12.69 21.12 9.22
C THR C 46 14.11 20.99 9.76
N ALA C 47 14.23 20.58 11.02
CA ALA C 47 15.53 20.40 11.64
C ALA C 47 16.23 19.14 11.14
N GLU C 48 15.44 18.14 10.75
CA GLU C 48 16.01 16.89 10.24
C GLU C 48 16.45 17.03 8.79
N GLY C 49 16.15 18.17 8.17
CA GLY C 49 16.58 18.43 6.82
C GLY C 49 15.52 18.28 5.75
N GLY C 50 14.31 17.90 6.15
CA GLY C 50 13.18 17.88 5.22
C GLY C 50 12.96 16.60 4.45
N ALA C 51 11.76 16.47 3.90
CA ALA C 51 11.34 15.27 3.15
C ALA C 51 11.45 14.00 3.97
N GLN C 52 10.87 14.01 5.16
CA GLN C 52 10.89 12.85 6.06
C GLN C 52 9.61 12.02 5.92
N ARG C 53 8.67 12.56 5.12
CA ARG C 53 7.46 11.84 4.78
C ARG C 53 7.87 10.52 4.10
N GLU C 54 7.23 9.44 4.52
CA GLU C 54 7.62 8.08 4.19
C GLU C 54 7.89 7.93 2.69
N ASP C 55 6.93 8.34 1.87
CA ASP C 55 7.02 8.17 0.42
C ASP C 55 8.20 8.93 -0.20
N LEU C 56 8.47 10.12 0.30
CA LEU C 56 9.58 10.90 -0.23
C LEU C 56 10.91 10.31 0.21
N GLN C 57 11.02 9.99 1.50
CA GLN C 57 12.28 9.51 2.08
C GLN C 57 12.68 8.18 1.46
N LYS C 58 11.70 7.37 1.09
CA LYS C 58 11.98 6.04 0.51
C LYS C 58 12.25 6.06 -0.99
N ALA C 59 12.37 7.26 -1.56
CA ALA C 59 12.52 7.39 -3.02
C ALA C 59 13.77 6.70 -3.55
N PHE C 60 13.66 6.15 -4.76
CA PHE C 60 14.80 5.60 -5.46
C PHE C 60 15.46 6.73 -6.22
N THR C 61 16.79 6.70 -6.24
CA THR C 61 17.55 7.65 -7.05
C THR C 61 18.54 6.86 -7.90
N LEU C 62 19.21 7.55 -8.82
CA LEU C 62 20.18 6.89 -9.69
C LEU C 62 21.34 6.35 -8.87
N ILE C 63 21.71 7.11 -7.85
CA ILE C 63 22.84 6.78 -6.98
C ILE C 63 22.55 5.67 -5.97
N ASN C 64 21.34 5.64 -5.41
CA ASN C 64 21.07 4.72 -4.31
C ASN C 64 20.46 3.37 -4.73
N THR C 65 20.07 3.31 -6.00
CA THR C 65 19.31 2.18 -6.48
C THR C 65 20.24 1.01 -6.75
N ILE C 66 19.93 -0.10 -6.08
CA ILE C 66 20.60 -1.37 -6.34
C ILE C 66 19.79 -2.13 -7.38
N ASP C 67 20.15 -2.02 -8.64
CA ASP C 67 19.37 -2.67 -9.69
C ASP C 67 19.93 -4.06 -9.92
N PHE C 68 19.06 -5.03 -10.18
CA PHE C 68 19.53 -6.38 -10.42
C PHE C 68 18.69 -7.08 -11.46
N ASP C 69 19.33 -7.94 -12.24
CA ASP C 69 18.65 -8.65 -13.30
C ASP C 69 19.37 -9.96 -13.40
N VAL C 70 18.88 -10.94 -12.64
CA VAL C 70 19.60 -12.17 -12.35
C VAL C 70 19.11 -13.36 -13.16
N GLU C 71 20.07 -14.05 -13.77
CA GLU C 71 19.82 -15.22 -14.60
C GLU C 71 20.99 -16.21 -14.53
N ASN C 72 20.67 -17.42 -14.13
CA ASN C 72 21.59 -18.52 -13.99
C ASN C 72 22.80 -18.14 -13.09
N THR C 73 22.57 -17.40 -12.02
CA THR C 73 23.69 -16.99 -11.17
C THR C 73 23.15 -16.51 -9.83
N THR C 74 24.01 -16.45 -8.82
CA THR C 74 23.57 -15.92 -7.53
C THR C 74 24.19 -14.53 -7.36
N THR C 75 23.38 -13.55 -7.00
CA THR C 75 23.83 -12.16 -6.94
C THR C 75 23.39 -11.49 -5.64
N THR C 76 24.36 -10.89 -4.95
CA THR C 76 24.08 -10.23 -3.68
C THR C 76 23.36 -8.93 -3.95
N ILE C 77 22.30 -8.68 -3.20
CA ILE C 77 21.63 -7.39 -3.29
C ILE C 77 22.22 -6.48 -2.22
N ALA C 78 22.48 -7.04 -1.05
CA ALA C 78 23.11 -6.35 0.06
C ALA C 78 23.65 -7.39 1.02
N ASN C 79 24.73 -7.05 1.72
CA ASN C 79 25.34 -7.95 2.71
C ASN C 79 25.97 -7.17 3.88
N THR C 80 25.41 -6.00 4.17
CA THR C 80 25.84 -5.18 5.29
C THR C 80 24.60 -4.80 6.07
N PRO C 81 24.74 -4.60 7.40
CA PRO C 81 23.60 -4.32 8.28
C PRO C 81 22.79 -3.11 7.88
N GLY C 82 21.46 -3.21 8.01
CA GLY C 82 20.56 -2.09 7.76
C GLY C 82 19.22 -2.57 7.24
N PHE C 83 18.29 -1.66 6.97
CA PHE C 83 16.96 -2.05 6.49
C PHE C 83 16.92 -1.76 5.01
N TYR C 84 16.44 -2.72 4.23
CA TYR C 84 16.39 -2.54 2.77
C TYR C 84 14.98 -2.72 2.22
N LYS C 85 14.66 -1.92 1.21
CA LYS C 85 13.44 -2.12 0.49
C LYS C 85 13.82 -2.83 -0.80
N VAL C 86 13.15 -3.94 -1.12
CA VAL C 86 13.41 -4.65 -2.38
C VAL C 86 12.12 -5.02 -3.11
N VAL C 87 12.00 -4.60 -4.38
CA VAL C 87 10.80 -4.84 -5.17
C VAL C 87 11.17 -5.35 -6.54
N GLY C 88 10.31 -6.16 -7.13
CA GLY C 88 10.61 -6.71 -8.43
C GLY C 88 9.72 -7.87 -8.81
N ASN C 89 10.23 -8.73 -9.68
CA ASN C 89 9.46 -9.83 -10.21
C ASN C 89 10.34 -11.05 -10.41
N LEU C 90 9.72 -12.23 -10.35
CA LEU C 90 10.38 -13.46 -10.75
C LEU C 90 9.64 -14.05 -11.95
N SER C 91 10.36 -14.82 -12.76
CA SER C 91 9.74 -15.60 -13.84
C SER C 91 8.97 -16.79 -13.29
N SER C 92 7.64 -16.76 -13.31
CA SER C 92 6.89 -17.91 -12.84
C SER C 92 7.17 -19.18 -13.64
N ARG C 93 7.21 -20.30 -12.92
CA ARG C 93 7.32 -21.62 -13.52
C ARG C 93 6.37 -22.53 -12.78
N ASP C 94 6.10 -23.69 -13.37
CA ASP C 94 5.36 -24.77 -12.74
C ASP C 94 5.96 -25.05 -11.37
N GLU C 95 5.13 -25.48 -10.43
CA GLU C 95 5.63 -25.76 -9.10
C GLU C 95 6.59 -26.96 -9.08
N ALA C 96 6.53 -27.80 -10.12
CA ALA C 96 7.44 -28.93 -10.23
C ALA C 96 8.61 -28.66 -11.17
N SER C 97 8.76 -27.41 -11.59
CA SER C 97 9.79 -27.02 -12.55
C SER C 97 11.19 -27.15 -11.94
N GLY C 98 12.17 -27.46 -12.78
CA GLY C 98 13.56 -27.45 -12.35
C GLY C 98 14.19 -26.07 -12.43
N ALA C 99 13.42 -25.06 -12.82
CA ALA C 99 13.98 -23.73 -13.03
C ALA C 99 13.56 -22.78 -11.92
N ILE C 100 14.49 -22.40 -11.05
CA ILE C 100 14.13 -21.57 -9.90
C ILE C 100 14.78 -20.21 -10.03
N ALA C 101 14.02 -19.17 -9.71
CA ALA C 101 14.52 -17.83 -9.41
C ALA C 101 13.78 -17.33 -8.17
N VAL C 102 14.52 -16.87 -7.17
CA VAL C 102 13.90 -16.40 -5.94
C VAL C 102 14.76 -15.42 -5.17
N ILE C 103 14.14 -14.65 -4.28
CA ILE C 103 14.89 -13.74 -3.42
C ILE C 103 14.86 -14.24 -1.98
N GLU C 104 16.05 -14.46 -1.44
CA GLU C 104 16.23 -15.01 -0.11
C GLU C 104 17.34 -14.33 0.68
N VAL C 105 17.16 -14.37 1.99
CA VAL C 105 18.06 -13.84 2.99
C VAL C 105 18.63 -15.12 3.57
N THR C 106 19.90 -15.00 3.89
CA THR C 106 20.81 -16.08 4.38
C THR C 106 21.98 -15.67 5.31
N ASP C 107 22.39 -16.61 6.16
CA ASP C 107 23.57 -16.43 6.99
C ASP C 107 24.72 -17.39 6.64
N GLY C 108 24.58 -18.21 5.59
CA GLY C 108 25.65 -19.15 5.33
C GLY C 108 25.47 -20.42 6.14
N ILE C 109 24.37 -20.49 6.87
CA ILE C 109 23.98 -21.68 7.62
C ILE C 109 22.51 -21.97 7.40
N THR C 110 21.71 -20.93 7.59
CA THR C 110 20.27 -20.99 7.40
C THR C 110 19.92 -20.07 6.25
N THR C 111 19.08 -20.56 5.34
CA THR C 111 18.62 -19.77 4.20
C THR C 111 17.10 -19.83 4.14
N LYS C 112 16.47 -18.69 3.92
CA LYS C 112 15.04 -18.63 3.80
C LYS C 112 14.64 -17.85 2.55
N ILE C 113 13.77 -18.47 1.75
CA ILE C 113 13.25 -17.86 0.54
C ILE C 113 12.14 -16.89 0.89
N LEU C 114 12.25 -15.65 0.42
CA LEU C 114 11.27 -14.60 0.70
C LEU C 114 10.33 -14.35 -0.49
N ALA C 115 10.73 -14.82 -1.67
CA ALA C 115 9.88 -14.75 -2.84
C ALA C 115 10.25 -15.93 -3.72
N ASN C 116 9.23 -16.67 -4.18
CA ASN C 116 9.43 -17.96 -4.83
C ASN C 116 8.67 -18.00 -6.16
N ASN C 117 9.31 -18.45 -7.23
CA ASN C 117 8.72 -18.38 -8.57
C ASN C 117 7.97 -19.65 -8.97
N ARG C 118 8.18 -20.74 -8.24
CA ARG C 118 7.60 -22.02 -8.64
C ARG C 118 6.23 -22.21 -8.03
N ILE C 119 5.26 -21.50 -8.60
CA ILE C 119 3.95 -21.39 -7.97
C ILE C 119 2.81 -21.90 -8.85
N VAL C 120 3.01 -21.96 -10.17
CA VAL C 120 1.86 -22.29 -11.03
C VAL C 120 1.61 -23.81 -11.14
N SER C 121 0.34 -24.15 -11.34
CA SER C 121 -0.09 -25.54 -11.38
C SER C 121 -1.06 -25.70 -12.54
N PRO C 122 -0.52 -25.81 -13.77
CA PRO C 122 -1.38 -25.96 -14.95
C PRO C 122 -1.99 -27.35 -15.00
N ASP C 123 -3.18 -27.45 -15.59
CA ASP C 123 -3.87 -28.73 -15.68
C ASP C 123 -4.33 -29.00 -17.10
N GLY C 124 -4.04 -30.21 -17.60
CA GLY C 124 -4.55 -30.62 -18.90
C GLY C 124 -3.72 -30.07 -20.04
N THR C 125 -2.48 -29.67 -19.72
CA THR C 125 -1.54 -29.16 -20.72
C THR C 125 -0.09 -29.16 -20.24
N THR C 126 0.85 -29.20 -21.16
CA THR C 126 2.27 -29.03 -20.85
C THR C 126 2.77 -27.75 -21.49
N ALA C 127 1.87 -27.02 -22.12
CA ALA C 127 2.20 -25.70 -22.66
C ALA C 127 1.93 -24.68 -21.55
N VAL C 128 2.94 -24.43 -20.74
CA VAL C 128 2.79 -23.69 -19.49
C VAL C 128 3.13 -22.21 -19.61
N GLN C 129 2.09 -21.37 -19.67
CA GLN C 129 2.30 -19.94 -19.73
C GLN C 129 2.87 -19.44 -18.41
N SER C 130 3.61 -18.35 -18.48
CA SER C 130 4.32 -17.79 -17.34
C SER C 130 3.97 -16.31 -17.17
N VAL C 131 3.90 -15.87 -15.93
CA VAL C 131 3.64 -14.46 -15.64
C VAL C 131 4.69 -13.93 -14.67
N PRO C 132 4.81 -12.60 -14.56
CA PRO C 132 5.65 -12.06 -13.49
C PRO C 132 5.08 -12.43 -12.11
N VAL C 133 5.95 -12.83 -11.17
CA VAL C 133 5.53 -13.00 -9.78
C VAL C 133 6.13 -11.86 -8.97
N PRO C 134 5.30 -10.87 -8.59
CA PRO C 134 5.88 -9.68 -7.95
C PRO C 134 6.27 -9.89 -6.50
N PHE C 135 7.31 -9.19 -6.06
CA PHE C 135 7.60 -9.11 -4.63
C PHE C 135 7.84 -7.67 -4.19
N ASP C 136 7.47 -7.34 -2.96
CA ASP C 136 7.64 -6.01 -2.40
C ASP C 136 8.01 -6.15 -0.91
N LEU C 137 9.30 -6.05 -0.58
CA LEU C 137 9.74 -6.44 0.75
C LEU C 137 10.50 -5.38 1.51
N MET C 138 10.34 -5.38 2.83
CA MET C 138 11.21 -4.63 3.71
C MET C 138 12.01 -5.64 4.53
N VAL C 139 13.34 -5.63 4.35
CA VAL C 139 14.19 -6.62 4.97
C VAL C 139 15.26 -5.95 5.80
N LYS C 140 15.49 -6.49 6.99
CA LYS C 140 16.51 -5.98 7.88
C LYS C 140 17.63 -7.00 8.02
N LEU C 141 18.85 -6.59 7.70
CA LEU C 141 20.02 -7.45 7.79
C LEU C 141 20.83 -7.04 9.00
N VAL C 142 21.27 -8.01 9.80
CA VAL C 142 22.27 -7.77 10.83
C VAL C 142 23.61 -8.35 10.38
N ALA C 143 24.63 -8.21 11.21
CA ALA C 143 25.98 -8.65 10.87
C ALA C 143 25.98 -10.12 10.43
N GLY C 144 26.55 -10.39 9.27
CA GLY C 144 26.62 -11.75 8.75
C GLY C 144 25.44 -12.13 7.88
N ASP C 145 24.40 -11.30 7.85
CA ASP C 145 23.28 -11.58 6.96
C ASP C 145 23.55 -11.15 5.52
N THR C 146 22.99 -11.89 4.57
CA THR C 146 23.09 -11.53 3.17
C THR C 146 21.70 -11.64 2.52
N LEU C 147 21.34 -10.64 1.72
CA LEU C 147 20.12 -10.69 0.90
C LEU C 147 20.55 -10.86 -0.55
N GLN C 148 20.04 -11.89 -1.22
CA GLN C 148 20.47 -12.18 -2.58
C GLN C 148 19.34 -12.63 -3.50
N ALA C 149 19.57 -12.48 -4.80
CA ALA C 149 18.64 -12.93 -5.81
C ALA C 149 19.31 -14.14 -6.42
N ARG C 150 18.54 -15.18 -6.72
CA ARG C 150 19.15 -16.38 -7.25
C ARG C 150 18.32 -17.04 -8.34
N SER C 151 18.98 -17.39 -9.42
CA SER C 151 18.37 -18.10 -10.51
C SER C 151 19.27 -19.28 -10.88
N ASN C 152 18.70 -20.47 -11.03
CA ASN C 152 19.50 -21.66 -11.34
C ASN C 152 19.47 -22.03 -12.80
N ASN C 153 18.86 -21.19 -13.62
CA ASN C 153 18.67 -21.57 -15.01
C ASN C 153 18.62 -20.36 -15.92
N ALA C 154 19.18 -20.47 -17.12
CA ALA C 154 19.23 -19.32 -18.02
C ALA C 154 17.84 -18.81 -18.41
N GLU C 155 16.84 -19.68 -18.28
CA GLU C 155 15.47 -19.37 -18.70
C GLU C 155 14.66 -18.56 -17.71
N VAL C 156 15.16 -18.38 -16.48
CA VAL C 156 14.39 -17.64 -15.48
C VAL C 156 15.17 -16.51 -14.80
N ARG C 157 14.50 -15.37 -14.62
CA ARG C 157 15.11 -14.18 -14.07
C ARG C 157 14.58 -13.80 -12.69
N VAL C 158 15.41 -13.12 -11.92
CA VAL C 158 14.97 -12.35 -10.77
C VAL C 158 15.31 -10.91 -11.09
N GLN C 159 14.30 -10.06 -11.24
CA GLN C 159 14.54 -8.66 -11.61
C GLN C 159 13.93 -7.70 -10.60
N GLY C 160 14.52 -6.52 -10.47
CA GLY C 160 13.96 -5.53 -9.58
C GLY C 160 15.01 -4.58 -9.10
N ILE C 161 14.66 -3.84 -8.06
CA ILE C 161 15.52 -2.80 -7.51
C ILE C 161 15.42 -2.80 -6.02
N ALA C 162 16.45 -2.29 -5.36
CA ALA C 162 16.47 -2.19 -3.92
C ALA C 162 17.26 -0.96 -3.49
N ARG C 163 17.03 -0.51 -2.26
CA ARG C 163 17.90 0.48 -1.65
C ARG C 163 17.86 0.39 -0.15
N GLN C 164 18.83 1.04 0.49
CA GLN C 164 18.91 1.04 1.93
C GLN C 164 18.03 2.18 2.44
N ILE C 165 17.02 1.82 3.23
CA ILE C 165 16.09 2.78 3.80
C ILE C 165 16.61 3.36 5.12
N ALA C 166 17.34 2.54 5.87
CA ALA C 166 17.80 2.96 7.19
C ALA C 166 19.01 2.17 7.61
N ASP C 167 19.79 2.73 8.53
CA ASP C 167 20.91 1.95 9.08
C ASP C 167 20.36 0.98 10.10
N VAL C 168 21.18 0.06 10.57
CA VAL C 168 20.71 -1.04 11.40
C VAL C 168 20.11 -0.52 12.70
N SER C 169 20.53 0.67 13.11
CA SER C 169 20.04 1.27 14.34
C SER C 169 18.64 1.84 14.13
N GLY C 170 18.26 2.03 12.87
CA GLY C 170 16.95 2.55 12.54
C GLY C 170 16.92 4.01 12.14
N ASN C 171 18.09 4.61 11.93
CA ASN C 171 18.15 5.97 11.42
C ASN C 171 17.90 6.03 9.93
N LEU C 172 16.94 6.86 9.53
CA LEU C 172 16.59 6.98 8.13
C LEU C 172 17.74 7.55 7.29
N ILE C 173 17.88 7.02 6.09
CA ILE C 173 18.84 7.50 5.11
C ILE C 173 18.09 8.32 4.06
N ASN C 174 18.54 9.55 3.83
CA ASN C 174 17.86 10.44 2.90
C ASN C 174 18.32 10.26 1.46
N PRO C 175 17.37 10.19 0.52
CA PRO C 175 17.71 9.96 -0.89
C PRO C 175 18.49 11.12 -1.49
N ILE D 6 20.88 12.97 32.65
CA ILE D 6 20.71 12.43 31.31
C ILE D 6 22.03 11.92 30.73
N ASP D 7 22.11 10.61 30.51
CA ASP D 7 23.31 10.03 29.91
C ASP D 7 22.97 9.30 28.62
N SER D 8 23.03 10.02 27.51
CA SER D 8 22.79 9.44 26.19
C SER D 8 23.26 10.41 25.10
N SER D 10 23.61 9.32 22.23
CA SER D 10 22.81 9.32 21.01
C SER D 10 21.81 10.47 21.01
N ILE D 11 21.12 10.67 22.13
CA ILE D 11 20.16 11.76 22.26
C ILE D 11 20.86 13.11 22.13
N ARG D 12 21.92 13.31 22.92
CA ARG D 12 22.74 14.50 22.80
C ARG D 12 23.25 14.66 21.37
N ASP D 13 23.50 13.52 20.72
CA ASP D 13 23.97 13.52 19.34
C ASP D 13 22.88 14.01 18.38
N LYS D 14 21.69 13.46 18.45
CA LYS D 14 20.61 13.90 17.59
C LYS D 14 20.29 15.33 17.88
N LEU D 15 20.23 15.64 19.15
CA LEU D 15 20.00 17.02 19.57
C LEU D 15 21.06 17.93 18.94
N ASN D 16 22.31 17.48 18.96
CA ASN D 16 23.42 18.24 18.40
C ASN D 16 23.23 18.52 16.90
N THR D 17 22.87 17.48 16.15
CA THR D 17 22.70 17.63 14.71
C THR D 17 21.52 18.54 14.40
N LEU D 18 20.41 18.31 15.09
CA LEU D 18 19.17 19.04 14.85
C LEU D 18 19.27 20.54 15.15
N LEU D 19 19.95 20.89 16.24
CA LEU D 19 20.07 22.28 16.66
C LEU D 19 21.53 22.70 16.86
N SER D 34 13.85 17.18 32.65
CA SER D 34 12.78 17.71 33.51
C SER D 34 11.83 16.60 33.96
N THR D 35 11.17 16.81 35.08
CA THR D 35 10.30 15.76 35.65
C THR D 35 8.84 16.17 35.73
N THR D 36 8.48 17.27 35.07
CA THR D 36 7.10 17.69 35.02
C THR D 36 6.55 17.51 33.60
N ILE D 37 5.59 16.61 33.44
CA ILE D 37 4.93 16.45 32.14
C ILE D 37 4.18 17.74 31.83
N ILE D 38 4.27 18.20 30.59
CA ILE D 38 3.64 19.44 30.20
C ILE D 38 2.60 19.16 29.12
N PRO D 39 1.34 19.54 29.37
CA PRO D 39 0.28 19.31 28.38
C PRO D 39 0.33 20.37 27.28
N VAL D 40 0.50 19.94 26.04
CA VAL D 40 0.57 20.87 24.92
C VAL D 40 -0.47 20.63 23.84
N VAL D 41 -0.73 21.66 23.05
CA VAL D 41 -1.51 21.51 21.83
C VAL D 41 -0.64 21.94 20.66
N ASP D 42 -0.61 21.10 19.62
CA ASP D 42 0.27 21.30 18.48
C ASP D 42 -0.45 22.14 17.44
N LEU D 43 0.16 23.28 17.10
CA LEU D 43 -0.41 24.19 16.11
C LEU D 43 0.46 24.32 14.87
N THR D 44 1.25 23.28 14.60
CA THR D 44 2.11 23.28 13.44
C THR D 44 1.25 23.25 12.19
N GLU D 45 0.21 22.43 12.23
CA GLU D 45 -0.61 22.18 11.05
C GLU D 45 -1.28 23.44 10.52
N THR D 46 -1.85 24.24 11.42
CA THR D 46 -2.55 25.45 11.03
C THR D 46 -1.57 26.58 10.71
N ALA D 47 -0.46 26.61 11.43
CA ALA D 47 0.61 27.55 11.11
C ALA D 47 1.21 27.24 9.74
N GLU D 48 1.16 25.96 9.36
CA GLU D 48 1.68 25.51 8.07
C GLU D 48 0.72 25.83 6.92
N GLY D 49 -0.47 26.30 7.27
CA GLY D 49 -1.46 26.69 6.26
C GLY D 49 -2.66 25.76 6.25
N GLY D 50 -2.69 24.83 7.20
CA GLY D 50 -3.73 23.83 7.25
C GLY D 50 -3.19 22.45 6.92
N ALA D 51 -4.03 21.44 7.09
CA ALA D 51 -3.60 20.08 6.81
C ALA D 51 -3.72 19.79 5.32
N GLN D 52 -2.73 19.09 4.78
CA GLN D 52 -2.89 18.51 3.45
C GLN D 52 -2.54 17.03 3.45
N ARG D 53 -3.57 16.20 3.40
CA ARG D 53 -3.40 14.77 3.51
C ARG D 53 -2.71 14.19 2.26
N GLU D 54 -1.83 13.24 2.50
CA GLU D 54 -0.92 12.68 1.49
C GLU D 54 -1.66 12.28 0.21
N ASP D 55 -2.74 11.53 0.35
CA ASP D 55 -3.45 10.99 -0.80
C ASP D 55 -4.05 12.09 -1.67
N LEU D 56 -4.57 13.14 -1.03
CA LEU D 56 -5.10 14.27 -1.78
C LEU D 56 -3.96 15.06 -2.46
N GLN D 57 -2.92 15.39 -1.69
CA GLN D 57 -1.79 16.19 -2.20
C GLN D 57 -1.08 15.53 -3.39
N LYS D 58 -1.13 14.20 -3.45
CA LYS D 58 -0.49 13.49 -4.56
C LYS D 58 -1.40 13.28 -5.77
N ALA D 59 -2.60 13.86 -5.74
CA ALA D 59 -3.59 13.60 -6.79
C ALA D 59 -3.15 14.00 -8.20
N PHE D 60 -3.50 13.18 -9.17
CA PHE D 60 -3.25 13.53 -10.56
C PHE D 60 -4.29 14.54 -11.03
N THR D 61 -3.85 15.52 -11.82
CA THR D 61 -4.77 16.45 -12.47
C THR D 61 -4.48 16.49 -13.96
N LEU D 62 -5.38 17.09 -14.73
CA LEU D 62 -5.20 17.22 -16.17
C LEU D 62 -3.95 18.03 -16.51
N ILE D 63 -3.72 19.10 -15.77
CA ILE D 63 -2.55 19.94 -15.99
C ILE D 63 -1.24 19.32 -15.49
N ASN D 64 -1.26 18.62 -14.36
CA ASN D 64 -0.01 18.14 -13.79
C ASN D 64 0.42 16.75 -14.29
N THR D 65 -0.47 16.08 -15.01
CA THR D 65 -0.20 14.72 -15.40
C THR D 65 0.74 14.63 -16.60
N ILE D 66 1.82 13.89 -16.41
CA ILE D 66 2.74 13.52 -17.48
C ILE D 66 2.32 12.16 -18.06
N ASP D 67 1.47 12.19 -19.09
CA ASP D 67 0.99 10.94 -19.67
C ASP D 67 2.00 10.46 -20.69
N PHE D 68 2.18 9.15 -20.76
CA PHE D 68 3.08 8.60 -21.77
C PHE D 68 2.59 7.26 -22.32
N ASP D 69 2.99 6.97 -23.54
CA ASP D 69 2.54 5.77 -24.23
C ASP D 69 3.60 5.46 -25.26
N VAL D 70 4.72 4.88 -24.82
CA VAL D 70 5.89 4.82 -25.69
C VAL D 70 6.11 3.47 -26.36
N GLU D 71 6.18 3.50 -27.69
CA GLU D 71 6.48 2.32 -28.48
C GLU D 71 7.56 2.67 -29.50
N ASN D 72 8.64 1.89 -29.53
CA ASN D 72 9.72 2.07 -30.50
C ASN D 72 10.42 3.43 -30.45
N THR D 73 10.62 3.95 -29.25
CA THR D 73 11.39 5.17 -29.07
C THR D 73 11.79 5.36 -27.61
N THR D 74 12.39 6.49 -27.31
CA THR D 74 12.79 6.82 -25.95
C THR D 74 12.13 8.13 -25.57
N THR D 75 11.40 8.15 -24.47
CA THR D 75 10.61 9.33 -24.17
C THR D 75 10.85 9.76 -22.73
N THR D 76 11.26 11.01 -22.58
CA THR D 76 11.60 11.57 -21.29
C THR D 76 10.33 11.76 -20.51
N ILE D 77 10.34 11.34 -19.25
CA ILE D 77 9.21 11.56 -18.36
C ILE D 77 9.49 12.82 -17.54
N ALA D 78 10.71 12.91 -17.02
CA ALA D 78 11.13 14.09 -16.28
C ALA D 78 12.65 14.22 -16.36
N ASN D 79 13.14 15.45 -16.51
CA ASN D 79 14.59 15.71 -16.50
C ASN D 79 15.02 16.90 -15.65
N THR D 80 14.18 17.35 -14.72
CA THR D 80 14.57 18.40 -13.77
C THR D 80 14.45 17.89 -12.34
N PRO D 81 15.21 18.48 -11.39
CA PRO D 81 15.25 17.86 -10.05
C PRO D 81 13.92 17.86 -9.31
N GLY D 82 13.72 16.84 -8.50
CA GLY D 82 12.53 16.74 -7.69
C GLY D 82 12.12 15.29 -7.45
N PHE D 83 10.98 15.12 -6.80
CA PHE D 83 10.45 13.78 -6.55
C PHE D 83 9.28 13.56 -7.48
N TYR D 84 9.24 12.38 -8.08
CA TYR D 84 8.19 12.05 -9.02
C TYR D 84 7.52 10.75 -8.65
N LYS D 85 6.19 10.73 -8.76
CA LYS D 85 5.45 9.49 -8.69
C LYS D 85 5.24 9.03 -10.11
N VAL D 86 5.53 7.76 -10.38
CA VAL D 86 5.30 7.23 -11.72
C VAL D 86 4.72 5.81 -11.66
N VAL D 87 3.56 5.65 -12.29
CA VAL D 87 2.84 4.39 -12.30
C VAL D 87 2.40 4.04 -13.74
N GLY D 88 2.25 2.76 -14.00
CA GLY D 88 1.93 2.33 -15.35
C GLY D 88 2.19 0.85 -15.58
N ASN D 89 2.33 0.49 -16.84
CA ASN D 89 2.48 -0.89 -17.21
C ASN D 89 3.43 -1.01 -18.38
N LEU D 90 4.05 -2.18 -18.49
CA LEU D 90 4.93 -2.50 -19.60
C LEU D 90 4.34 -3.73 -20.28
N SER D 91 4.59 -3.90 -21.58
CA SER D 91 4.19 -5.13 -22.27
C SER D 91 5.14 -6.26 -21.91
N SER D 92 4.65 -7.30 -21.26
CA SER D 92 5.52 -8.39 -20.88
C SER D 92 5.97 -9.20 -22.09
N ARG D 93 7.25 -9.56 -22.09
CA ARG D 93 7.76 -10.47 -23.11
C ARG D 93 8.53 -11.56 -22.41
N ASP D 94 8.84 -12.61 -23.16
CA ASP D 94 9.76 -13.66 -22.74
C ASP D 94 11.07 -13.04 -22.27
N GLU D 95 11.69 -13.63 -21.25
CA GLU D 95 12.91 -13.08 -20.70
C GLU D 95 14.07 -13.12 -21.70
N ALA D 96 13.86 -13.78 -22.82
CA ALA D 96 14.92 -13.90 -23.82
C ALA D 96 14.54 -13.14 -25.08
N SER D 97 13.39 -12.47 -25.02
CA SER D 97 12.87 -11.72 -26.15
C SER D 97 13.81 -10.60 -26.56
N GLY D 98 13.75 -10.19 -27.81
CA GLY D 98 14.52 -9.05 -28.27
C GLY D 98 13.75 -7.74 -28.14
N ALA D 99 12.50 -7.81 -27.69
CA ALA D 99 11.67 -6.62 -27.56
C ALA D 99 11.59 -6.14 -26.11
N ILE D 100 12.12 -4.94 -25.85
CA ILE D 100 12.20 -4.43 -24.47
C ILE D 100 11.34 -3.19 -24.22
N ALA D 101 10.83 -3.09 -23.00
CA ALA D 101 10.07 -1.92 -22.59
C ALA D 101 10.39 -1.69 -21.13
N VAL D 102 10.96 -0.54 -20.81
CA VAL D 102 11.39 -0.30 -19.46
C VAL D 102 11.15 1.13 -19.03
N ILE D 103 11.16 1.33 -17.71
CA ILE D 103 11.36 2.64 -17.14
C ILE D 103 12.79 2.65 -16.58
N GLU D 104 13.56 3.69 -16.88
CA GLU D 104 14.91 3.72 -16.37
C GLU D 104 15.28 5.14 -15.97
N VAL D 105 16.30 5.26 -15.15
CA VAL D 105 16.75 6.53 -14.67
C VAL D 105 18.22 6.60 -15.06
N THR D 106 18.65 7.76 -15.54
CA THR D 106 19.98 7.83 -16.13
C THR D 106 20.60 9.21 -16.03
N ASP D 107 21.92 9.27 -16.17
CA ASP D 107 22.60 10.56 -16.27
C ASP D 107 23.48 10.59 -17.51
N GLY D 108 23.35 9.58 -18.36
CA GLY D 108 24.17 9.48 -19.55
C GLY D 108 25.46 8.71 -19.38
N ILE D 109 25.84 8.44 -18.14
CA ILE D 109 27.01 7.62 -17.84
C ILE D 109 26.55 6.30 -17.28
N THR D 110 25.70 6.37 -16.27
CA THR D 110 25.13 5.22 -15.60
C THR D 110 23.64 5.22 -15.88
N THR D 111 23.09 4.04 -16.10
CA THR D 111 21.65 3.89 -16.34
C THR D 111 21.17 2.69 -15.53
N LYS D 112 20.04 2.85 -14.83
CA LYS D 112 19.49 1.78 -14.03
C LYS D 112 18.05 1.57 -14.39
N ILE D 113 17.71 0.34 -14.73
CA ILE D 113 16.35 -0.01 -15.06
C ILE D 113 15.52 -0.15 -13.79
N LEU D 114 14.42 0.59 -13.74
CA LEU D 114 13.54 0.56 -12.57
C LEU D 114 12.31 -0.35 -12.78
N ALA D 115 12.00 -0.66 -14.04
CA ALA D 115 10.92 -1.60 -14.33
C ALA D 115 11.24 -2.30 -15.63
N ASN D 116 11.18 -3.63 -15.61
CA ASN D 116 11.65 -4.47 -16.70
C ASN D 116 10.52 -5.36 -17.24
N ASN D 117 10.39 -5.46 -18.56
CA ASN D 117 9.30 -6.23 -19.15
C ASN D 117 9.65 -7.67 -19.57
N ARG D 118 10.94 -7.97 -19.68
CA ARG D 118 11.37 -9.28 -20.15
C ARG D 118 11.47 -10.23 -18.98
N ILE D 119 10.31 -10.71 -18.51
CA ILE D 119 10.26 -11.40 -17.23
C ILE D 119 9.67 -12.81 -17.33
N VAL D 120 8.89 -13.08 -18.38
CA VAL D 120 8.14 -14.35 -18.40
C VAL D 120 8.94 -15.51 -18.97
N SER D 121 8.57 -16.72 -18.59
CA SER D 121 9.34 -17.88 -18.96
C SER D 121 8.42 -19.04 -19.31
N PRO D 122 7.82 -19.01 -20.49
CA PRO D 122 6.90 -20.09 -20.89
C PRO D 122 7.65 -21.39 -21.02
N ASP D 123 6.97 -22.50 -20.79
CA ASP D 123 7.58 -23.82 -20.96
C ASP D 123 6.72 -24.69 -21.87
N GLY D 124 7.35 -25.37 -22.81
CA GLY D 124 6.64 -26.29 -23.69
C GLY D 124 5.81 -25.61 -24.77
N THR D 125 6.12 -24.35 -25.09
CA THR D 125 5.44 -23.68 -26.20
C THR D 125 6.19 -22.46 -26.74
N THR D 126 5.95 -22.11 -28.00
CA THR D 126 6.45 -20.87 -28.54
C THR D 126 5.33 -19.82 -28.66
N ALA D 127 4.13 -20.21 -28.24
CA ALA D 127 2.99 -19.31 -28.23
C ALA D 127 2.93 -18.63 -26.88
N VAL D 128 3.43 -17.39 -26.82
CA VAL D 128 3.69 -16.76 -25.54
C VAL D 128 2.70 -15.65 -25.21
N GLN D 129 1.82 -15.92 -24.25
CA GLN D 129 0.84 -14.92 -23.86
C GLN D 129 1.56 -13.83 -23.09
N SER D 130 1.02 -12.61 -23.13
CA SER D 130 1.65 -11.47 -22.47
C SER D 130 0.65 -10.80 -21.55
N VAL D 131 1.14 -10.30 -20.43
CA VAL D 131 0.30 -9.54 -19.51
C VAL D 131 0.97 -8.19 -19.24
N PRO D 132 0.20 -7.22 -18.74
CA PRO D 132 0.87 -5.98 -18.31
C PRO D 132 1.78 -6.28 -17.11
N VAL D 133 2.90 -5.57 -17.03
CA VAL D 133 3.75 -5.63 -15.85
C VAL D 133 3.67 -4.29 -15.14
N PRO D 134 3.00 -4.25 -13.96
CA PRO D 134 2.79 -2.97 -13.28
C PRO D 134 4.04 -2.41 -12.63
N PHE D 135 4.15 -1.08 -12.64
CA PHE D 135 5.14 -0.38 -11.83
C PHE D 135 4.47 0.79 -11.12
N ASP D 136 5.04 1.15 -9.98
CA ASP D 136 4.48 2.18 -9.13
C ASP D 136 5.65 2.72 -8.33
N LEU D 137 6.26 3.80 -8.82
CA LEU D 137 7.54 4.24 -8.28
C LEU D 137 7.50 5.65 -7.73
N MET D 138 8.38 5.89 -6.76
CA MET D 138 8.71 7.22 -6.32
C MET D 138 10.19 7.40 -6.64
N VAL D 139 10.49 8.33 -7.54
CA VAL D 139 11.86 8.59 -7.96
C VAL D 139 12.24 10.04 -7.62
N LYS D 140 13.45 10.21 -7.11
CA LYS D 140 13.99 11.54 -6.87
C LYS D 140 15.11 11.81 -7.86
N LEU D 141 14.96 12.85 -8.67
CA LEU D 141 16.00 13.25 -9.60
C LEU D 141 16.77 14.44 -9.05
N VAL D 142 18.10 14.41 -9.18
CA VAL D 142 18.92 15.59 -8.94
C VAL D 142 19.47 16.10 -10.26
N ALA D 143 20.25 17.17 -10.23
CA ALA D 143 20.76 17.80 -11.45
C ALA D 143 21.50 16.81 -12.34
N GLY D 144 21.13 16.79 -13.62
CA GLY D 144 21.74 15.87 -14.57
C GLY D 144 21.05 14.52 -14.72
N ASP D 145 20.05 14.25 -13.88
CA ASP D 145 19.29 13.00 -13.98
C ASP D 145 18.11 13.13 -14.95
N THR D 146 17.81 12.01 -15.60
CA THR D 146 16.66 11.91 -16.50
C THR D 146 15.92 10.60 -16.18
N LEU D 147 14.61 10.71 -15.98
CA LEU D 147 13.74 9.55 -15.86
C LEU D 147 13.06 9.35 -17.22
N GLN D 148 13.28 8.22 -17.86
CA GLN D 148 12.71 8.00 -19.20
C GLN D 148 12.04 6.65 -19.37
N ALA D 149 11.12 6.58 -20.33
CA ALA D 149 10.52 5.32 -20.75
C ALA D 149 11.14 4.95 -22.08
N ARG D 150 11.44 3.67 -22.27
CA ARG D 150 12.06 3.23 -23.50
C ARG D 150 11.48 1.93 -24.00
N SER D 151 11.19 1.89 -25.29
CA SER D 151 10.77 0.67 -25.95
C SER D 151 11.63 0.56 -27.18
N ASN D 152 12.22 -0.60 -27.45
CA ASN D 152 13.08 -0.73 -28.61
C ASN D 152 12.35 -1.38 -29.78
N ASN D 153 11.04 -1.48 -29.70
CA ASN D 153 10.32 -2.27 -30.69
C ASN D 153 8.87 -1.88 -30.76
N ALA D 154 8.33 -1.88 -31.97
CA ALA D 154 6.97 -1.40 -32.18
C ALA D 154 5.92 -2.28 -31.49
N GLU D 155 6.33 -3.49 -31.12
CA GLU D 155 5.41 -4.45 -30.51
C GLU D 155 5.24 -4.31 -29.01
N VAL D 156 6.08 -3.49 -28.37
CA VAL D 156 6.05 -3.38 -26.91
C VAL D 156 5.91 -1.93 -26.47
N ARG D 157 5.19 -1.69 -25.37
CA ARG D 157 4.93 -0.31 -24.97
C ARG D 157 5.01 -0.05 -23.47
N VAL D 158 5.55 1.11 -23.14
CA VAL D 158 5.57 1.60 -21.77
C VAL D 158 4.46 2.62 -21.68
N GLN D 159 3.44 2.32 -20.89
CA GLN D 159 2.31 3.22 -20.71
C GLN D 159 2.18 3.60 -19.25
N GLY D 160 1.83 4.84 -18.99
CA GLY D 160 1.53 5.24 -17.63
C GLY D 160 1.41 6.72 -17.45
N ILE D 161 1.44 7.15 -16.19
CA ILE D 161 1.36 8.55 -15.86
C ILE D 161 2.40 8.88 -14.81
N ALA D 162 2.76 10.15 -14.74
CA ALA D 162 3.68 10.60 -13.74
C ALA D 162 3.33 12.03 -13.38
N ARG D 163 3.77 12.45 -12.20
CA ARG D 163 3.74 13.85 -11.83
C ARG D 163 4.76 14.13 -10.77
N GLN D 164 5.13 15.39 -10.67
CA GLN D 164 6.07 15.85 -9.68
C GLN D 164 5.30 15.97 -8.36
N ILE D 165 5.80 15.27 -7.34
CA ILE D 165 5.19 15.28 -6.01
C ILE D 165 5.76 16.38 -5.14
N ALA D 166 7.02 16.74 -5.38
CA ALA D 166 7.71 17.67 -4.51
C ALA D 166 8.93 18.22 -5.22
N ASP D 167 9.42 19.38 -4.79
CA ASP D 167 10.64 19.91 -5.38
C ASP D 167 11.83 19.21 -4.75
N VAL D 168 13.04 19.46 -5.26
CA VAL D 168 14.22 18.70 -4.83
C VAL D 168 14.52 18.89 -3.35
N SER D 169 14.03 19.97 -2.76
CA SER D 169 14.26 20.23 -1.34
C SER D 169 13.27 19.46 -0.47
N GLY D 170 12.23 18.95 -1.10
CA GLY D 170 11.21 18.21 -0.41
C GLY D 170 9.96 19.03 -0.16
N ASN D 171 9.93 20.27 -0.67
CA ASN D 171 8.72 21.08 -0.57
C ASN D 171 7.63 20.50 -1.46
N LEU D 172 6.47 20.21 -0.85
CA LEU D 172 5.37 19.58 -1.54
C LEU D 172 4.74 20.52 -2.54
N ILE D 173 4.39 19.96 -3.69
CA ILE D 173 3.74 20.68 -4.77
C ILE D 173 2.24 20.39 -4.76
N ASN D 174 1.44 21.42 -4.54
CA ASN D 174 -0.02 21.26 -4.54
C ASN D 174 -0.54 20.79 -5.89
N PRO D 175 -1.53 19.88 -5.87
CA PRO D 175 -2.04 19.28 -7.12
C PRO D 175 -2.78 20.29 -8.00
N SER E 1 16.58 35.04 24.16
CA SER E 1 15.68 34.01 24.66
C SER E 1 14.28 34.57 24.95
N GLN E 2 14.14 35.84 24.62
CA GLN E 2 12.91 36.63 24.66
C GLN E 2 11.98 36.37 23.48
N GLN E 3 10.76 36.89 23.58
CA GLN E 3 9.65 36.55 22.70
C GLN E 3 9.54 37.49 21.51
N PHE E 4 8.45 37.35 20.76
CA PHE E 4 8.17 38.18 19.60
C PHE E 4 6.68 38.19 19.31
N ARG E 5 6.18 39.35 18.89
CA ARG E 5 4.75 39.47 18.57
C ARG E 5 4.43 38.61 17.35
N ILE E 6 3.20 38.13 17.28
CA ILE E 6 2.73 37.43 16.09
C ILE E 6 1.39 38.02 15.63
N ASP E 7 1.15 37.95 14.32
CA ASP E 7 -0.07 38.49 13.74
C ASP E 7 -0.73 37.47 12.83
N SER E 8 -1.60 36.64 13.40
CA SER E 8 -2.38 35.67 12.63
C SER E 8 -3.77 35.52 13.21
N GLU E 9 -4.78 35.51 12.34
CA GLU E 9 -6.13 35.20 12.80
C GLU E 9 -6.42 33.71 12.61
N SER E 10 -5.58 33.05 11.81
CA SER E 10 -5.71 31.61 11.60
C SER E 10 -5.19 30.84 12.82
N ILE E 11 -4.10 31.32 13.41
CA ILE E 11 -3.59 30.75 14.66
C ILE E 11 -4.50 31.12 15.83
N ARG E 12 -4.88 32.40 15.91
CA ARG E 12 -5.69 32.90 17.02
C ARG E 12 -7.03 32.18 17.16
N ASP E 13 -7.77 32.09 16.06
CA ASP E 13 -9.06 31.39 16.05
C ASP E 13 -8.88 29.95 16.49
N LYS E 14 -7.85 29.30 15.94
CA LYS E 14 -7.57 27.91 16.22
C LYS E 14 -7.24 27.67 17.69
N LEU E 15 -6.62 28.67 18.32
CA LEU E 15 -6.26 28.54 19.73
C LEU E 15 -7.47 28.75 20.65
N ASN E 16 -8.45 29.52 20.17
CA ASN E 16 -9.69 29.71 20.90
C ASN E 16 -10.56 28.47 20.79
N THR E 17 -10.59 27.90 19.58
CA THR E 17 -11.38 26.70 19.34
C THR E 17 -10.79 25.51 20.07
N LEU E 18 -9.48 25.56 20.29
CA LEU E 18 -8.78 24.47 20.97
C LEU E 18 -8.86 24.61 22.49
N LEU E 31 -0.72 37.77 19.75
CA LEU E 31 -0.05 36.78 20.59
C LEU E 31 1.48 36.88 20.48
N SER E 32 2.17 35.86 20.96
CA SER E 32 3.63 35.86 20.96
C SER E 32 4.21 34.46 20.97
N GLY E 33 5.49 34.35 20.62
CA GLY E 33 6.19 33.08 20.60
C GLY E 33 7.62 33.19 21.07
N SER E 34 8.05 32.29 21.94
CA SER E 34 9.41 32.35 22.49
C SER E 34 10.45 31.94 21.46
N THR E 35 11.69 32.31 21.72
CA THR E 35 12.78 32.07 20.78
C THR E 35 13.79 31.07 21.31
N THR E 36 13.35 30.22 22.23
CA THR E 36 14.17 29.11 22.68
C THR E 36 13.51 27.79 22.34
N ILE E 37 14.15 27.04 21.44
CA ILE E 37 13.62 25.76 21.01
C ILE E 37 13.82 24.70 22.08
N ILE E 38 12.73 24.13 22.57
CA ILE E 38 12.79 23.10 23.60
C ILE E 38 12.81 21.72 22.96
N PRO E 39 13.71 20.84 23.43
CA PRO E 39 13.59 19.43 23.08
C PRO E 39 12.52 18.78 23.94
N VAL E 40 11.67 17.95 23.36
CA VAL E 40 10.68 17.23 24.14
C VAL E 40 10.68 15.76 23.79
N VAL E 41 10.06 14.95 24.64
CA VAL E 41 9.74 13.58 24.30
C VAL E 41 8.27 13.32 24.64
N ASP E 42 7.50 12.96 23.61
CA ASP E 42 6.07 12.75 23.75
C ASP E 42 5.78 11.51 24.60
N LEU E 43 4.96 11.65 25.62
CA LEU E 43 4.58 10.52 26.46
C LEU E 43 3.11 10.14 26.29
N THR E 44 2.45 10.69 25.27
CA THR E 44 1.01 10.50 25.08
C THR E 44 0.60 9.03 24.93
N GLU E 45 1.45 8.25 24.27
CA GLU E 45 1.13 6.84 24.00
C GLU E 45 1.08 6.03 25.28
N THR E 46 2.16 6.10 26.06
CA THR E 46 2.23 5.38 27.33
C THR E 46 1.16 5.87 28.28
N ALA E 47 0.96 7.18 28.30
CA ALA E 47 0.04 7.83 29.18
C ALA E 47 -1.36 7.30 28.94
N GLU E 48 -1.61 6.89 27.71
CA GLU E 48 -2.93 6.39 27.33
C GLU E 48 -3.09 4.88 27.56
N GLY E 49 -2.04 4.20 28.00
CA GLY E 49 -2.08 2.75 28.04
C GLY E 49 -1.65 1.96 26.79
N GLY E 50 -0.87 2.64 25.97
CA GLY E 50 -0.45 2.27 24.63
C GLY E 50 -1.44 2.71 23.59
N ALA E 51 -0.92 3.13 22.45
CA ALA E 51 -1.79 3.49 21.34
C ALA E 51 -2.01 2.34 20.39
N GLN E 52 -3.20 2.32 19.78
CA GLN E 52 -3.57 1.46 18.68
C GLN E 52 -2.83 1.83 17.44
N ARG E 53 -2.46 0.81 16.70
CA ARG E 53 -1.96 1.03 15.35
C ARG E 53 -2.89 0.40 14.31
N GLU E 54 -3.25 1.20 13.32
CA GLU E 54 -4.20 0.79 12.27
C GLU E 54 -4.09 -0.66 11.79
N ASP E 55 -2.87 -1.11 11.47
CA ASP E 55 -2.73 -2.41 10.83
C ASP E 55 -3.10 -3.56 11.76
N LEU E 56 -2.94 -3.33 13.06
CA LEU E 56 -3.25 -4.35 14.06
C LEU E 56 -4.76 -4.31 14.41
N GLN E 57 -5.33 -3.11 14.42
CA GLN E 57 -6.75 -2.94 14.73
C GLN E 57 -7.61 -3.74 13.77
N LYS E 58 -7.20 -3.70 12.49
CA LYS E 58 -7.97 -4.28 11.39
C LYS E 58 -7.68 -5.77 11.17
N ALA E 59 -6.97 -6.37 12.11
CA ALA E 59 -6.56 -7.77 11.98
C ALA E 59 -7.76 -8.71 11.87
N PHE E 60 -7.57 -9.79 11.11
CA PHE E 60 -8.55 -10.84 11.07
C PHE E 60 -8.30 -11.83 12.19
N THR E 61 -9.37 -12.29 12.83
CA THR E 61 -9.28 -13.41 13.76
C THR E 61 -10.26 -14.49 13.35
N LEU E 62 -10.12 -15.67 13.92
CA LEU E 62 -11.06 -16.76 13.69
C LEU E 62 -12.49 -16.33 14.05
N ILE E 63 -12.62 -15.59 15.13
CA ILE E 63 -13.92 -15.11 15.57
C ILE E 63 -14.52 -14.04 14.65
N ASN E 64 -13.76 -13.00 14.32
CA ASN E 64 -14.34 -11.88 13.57
C ASN E 64 -14.42 -12.08 12.05
N THR E 65 -13.71 -13.08 11.53
CA THR E 65 -13.69 -13.27 10.08
C THR E 65 -15.02 -13.76 9.51
N ILE E 66 -15.52 -13.02 8.54
CA ILE E 66 -16.64 -13.47 7.73
C ILE E 66 -16.08 -14.01 6.42
N ASP E 67 -15.96 -15.34 6.34
CA ASP E 67 -15.40 -16.01 5.17
C ASP E 67 -16.56 -16.38 4.28
N PHE E 68 -16.38 -16.23 2.96
CA PHE E 68 -17.43 -16.61 2.01
C PHE E 68 -16.81 -17.29 0.81
N ASP E 69 -17.54 -18.23 0.24
CA ASP E 69 -17.11 -18.89 -1.00
C ASP E 69 -18.39 -19.13 -1.75
N VAL E 70 -18.70 -18.24 -2.68
CA VAL E 70 -20.05 -18.18 -3.19
C VAL E 70 -20.18 -18.69 -4.62
N GLU E 71 -21.14 -19.58 -4.81
CA GLU E 71 -21.33 -20.24 -6.08
C GLU E 71 -22.83 -20.45 -6.30
N ASN E 72 -23.33 -19.89 -7.39
CA ASN E 72 -24.70 -20.11 -7.82
C ASN E 72 -25.71 -19.83 -6.71
N THR E 73 -25.52 -18.72 -6.02
CA THR E 73 -26.46 -18.25 -5.02
C THR E 73 -26.08 -16.83 -4.67
N THR E 74 -26.84 -16.18 -3.81
CA THR E 74 -26.53 -14.86 -3.32
C THR E 74 -26.31 -14.96 -1.82
N THR E 75 -25.20 -14.41 -1.33
CA THR E 75 -24.87 -14.58 0.07
C THR E 75 -24.55 -13.26 0.78
N THR E 76 -25.24 -13.02 1.88
CA THR E 76 -25.05 -11.81 2.65
C THR E 76 -23.69 -11.85 3.34
N ILE E 77 -22.93 -10.77 3.21
CA ILE E 77 -21.66 -10.64 3.92
C ILE E 77 -21.91 -9.86 5.21
N ALA E 78 -22.73 -8.82 5.08
CA ALA E 78 -23.15 -8.02 6.22
C ALA E 78 -24.44 -7.29 5.85
N ASN E 79 -25.28 -7.04 6.85
CA ASN E 79 -26.51 -6.26 6.64
C ASN E 79 -26.89 -5.42 7.84
N THR E 80 -25.88 -5.01 8.62
CA THR E 80 -26.10 -4.16 9.77
C THR E 80 -25.10 -3.02 9.70
N PRO E 81 -25.45 -1.85 10.26
CA PRO E 81 -24.63 -0.63 10.13
C PRO E 81 -23.21 -0.79 10.63
N GLY E 82 -22.27 -0.16 9.94
CA GLY E 82 -20.87 -0.19 10.32
C GLY E 82 -19.95 -0.10 9.12
N PHE E 83 -18.65 -0.06 9.37
CA PHE E 83 -17.67 0.00 8.29
C PHE E 83 -17.08 -1.37 8.12
N TYR E 84 -17.03 -1.85 6.88
CA TYR E 84 -16.54 -3.20 6.61
C TYR E 84 -15.37 -3.27 5.64
N LYS E 85 -14.33 -4.00 6.02
CA LYS E 85 -13.26 -4.36 5.11
C LYS E 85 -13.62 -5.68 4.43
N VAL E 86 -13.49 -5.73 3.10
CA VAL E 86 -13.82 -6.93 2.36
C VAL E 86 -12.80 -7.15 1.23
N VAL E 87 -12.17 -8.31 1.24
CA VAL E 87 -11.11 -8.62 0.30
C VAL E 87 -11.33 -10.03 -0.23
N GLY E 88 -10.86 -10.28 -1.44
CA GLY E 88 -11.01 -11.57 -2.07
C GLY E 88 -10.91 -11.49 -3.58
N ASN E 89 -11.52 -12.47 -4.24
CA ASN E 89 -11.36 -12.65 -5.66
C ASN E 89 -12.64 -13.10 -6.31
N LEU E 90 -12.76 -12.79 -7.60
CA LEU E 90 -13.87 -13.26 -8.41
C LEU E 90 -13.27 -14.07 -9.53
N SER E 91 -14.04 -15.01 -10.10
CA SER E 91 -13.61 -15.73 -11.29
C SER E 91 -13.79 -14.85 -12.53
N SER E 92 -12.70 -14.50 -13.20
CA SER E 92 -12.81 -13.66 -14.39
C SER E 92 -13.51 -14.44 -15.49
N ARG E 93 -14.39 -13.76 -16.24
CA ARG E 93 -15.03 -14.34 -17.42
C ARG E 93 -14.94 -13.33 -18.55
N ASP E 94 -15.17 -13.78 -19.78
CA ASP E 94 -15.29 -12.89 -20.93
C ASP E 94 -16.33 -11.82 -20.60
N GLU E 95 -16.06 -10.58 -21.01
CA GLU E 95 -17.02 -9.49 -20.79
C GLU E 95 -18.41 -9.80 -21.36
N ALA E 96 -18.45 -10.66 -22.39
CA ALA E 96 -19.69 -11.05 -23.05
C ALA E 96 -20.40 -12.26 -22.43
N SER E 97 -19.77 -12.89 -21.43
CA SER E 97 -20.34 -14.05 -20.76
C SER E 97 -21.64 -13.72 -20.04
N GLY E 98 -22.45 -14.74 -19.83
CA GLY E 98 -23.61 -14.61 -18.96
C GLY E 98 -23.28 -15.01 -17.53
N ALA E 99 -22.07 -15.54 -17.31
CA ALA E 99 -21.68 -16.00 -15.98
C ALA E 99 -21.23 -14.86 -15.05
N ILE E 100 -22.02 -14.59 -14.03
CA ILE E 100 -21.81 -13.42 -13.18
C ILE E 100 -21.28 -13.78 -11.80
N ALA E 101 -20.25 -13.04 -11.36
CA ALA E 101 -19.68 -13.18 -10.01
C ALA E 101 -19.26 -11.81 -9.51
N VAL E 102 -19.93 -11.31 -8.48
CA VAL E 102 -19.75 -9.92 -8.05
C VAL E 102 -19.89 -9.72 -6.56
N ILE E 103 -19.31 -8.61 -6.08
CA ILE E 103 -19.59 -8.05 -4.77
C ILE E 103 -20.51 -6.87 -5.01
N GLU E 104 -21.64 -6.80 -4.33
CA GLU E 104 -22.50 -5.64 -4.50
C GLU E 104 -23.06 -5.13 -3.18
N VAL E 105 -23.49 -3.87 -3.21
CA VAL E 105 -24.17 -3.23 -2.10
C VAL E 105 -25.59 -2.87 -2.59
N THR E 106 -26.60 -3.18 -1.78
CA THR E 106 -27.97 -2.90 -2.16
C THR E 106 -28.86 -2.56 -0.97
N ASP E 107 -30.01 -1.98 -1.26
CA ASP E 107 -30.98 -1.62 -0.23
C ASP E 107 -32.35 -2.19 -0.54
N GLY E 108 -32.40 -3.11 -1.51
CA GLY E 108 -33.64 -3.70 -1.94
C GLY E 108 -34.27 -2.96 -3.11
N ILE E 109 -33.79 -1.75 -3.38
CA ILE E 109 -34.27 -0.95 -4.49
C ILE E 109 -33.15 -0.71 -5.49
N THR E 110 -32.09 -0.06 -5.02
CA THR E 110 -30.91 0.20 -5.83
C THR E 110 -29.78 -0.74 -5.42
N THR E 111 -29.09 -1.28 -6.42
CA THR E 111 -28.00 -2.21 -6.21
C THR E 111 -26.79 -1.71 -7.00
N LYS E 112 -25.63 -1.63 -6.36
CA LYS E 112 -24.43 -1.15 -7.04
C LYS E 112 -23.32 -2.18 -6.93
N ILE E 113 -22.71 -2.49 -8.07
CA ILE E 113 -21.65 -3.47 -8.13
C ILE E 113 -20.30 -2.86 -7.76
N LEU E 114 -19.66 -3.45 -6.76
CA LEU E 114 -18.39 -2.94 -6.25
C LEU E 114 -17.19 -3.67 -6.82
N ALA E 115 -17.41 -4.89 -7.29
CA ALA E 115 -16.36 -5.67 -7.94
C ALA E 115 -17.03 -6.52 -8.99
N ASN E 116 -16.41 -6.59 -10.17
CA ASN E 116 -17.06 -7.12 -11.35
C ASN E 116 -16.12 -8.10 -12.05
N ASN E 117 -16.64 -9.27 -12.42
CA ASN E 117 -15.80 -10.33 -12.96
C ASN E 117 -15.80 -10.45 -14.50
N ARG E 118 -16.76 -9.80 -15.16
CA ARG E 118 -16.91 -10.00 -16.61
C ARG E 118 -16.13 -8.93 -17.35
N ILE E 119 -14.83 -9.13 -17.46
CA ILE E 119 -13.93 -8.05 -17.84
C ILE E 119 -12.96 -8.43 -18.96
N VAL E 120 -12.73 -9.72 -19.19
CA VAL E 120 -11.68 -10.09 -20.13
C VAL E 120 -12.16 -10.07 -21.58
N SER E 121 -11.26 -9.74 -22.49
CA SER E 121 -11.62 -9.60 -23.89
C SER E 121 -10.66 -10.37 -24.78
N PRO E 122 -10.76 -11.71 -24.77
CA PRO E 122 -9.88 -12.54 -25.58
C PRO E 122 -10.13 -12.26 -27.05
N ASP E 123 -9.13 -12.52 -27.89
CA ASP E 123 -9.28 -12.30 -29.31
C ASP E 123 -8.63 -13.40 -30.14
N GLY E 124 -9.33 -13.87 -31.17
CA GLY E 124 -8.80 -14.91 -32.05
C GLY E 124 -8.76 -16.27 -31.40
N THR E 125 -9.61 -16.47 -30.40
CA THR E 125 -9.78 -17.77 -29.74
C THR E 125 -11.10 -17.82 -28.97
N THR E 126 -11.64 -19.02 -28.78
CA THR E 126 -12.81 -19.23 -27.93
C THR E 126 -12.40 -20.08 -26.72
N ALA E 127 -11.11 -20.37 -26.62
CA ALA E 127 -10.58 -21.00 -25.41
C ALA E 127 -10.13 -19.87 -24.48
N VAL E 128 -11.01 -19.52 -23.56
CA VAL E 128 -10.85 -18.31 -22.77
C VAL E 128 -10.29 -18.64 -21.38
N GLN E 129 -9.01 -18.35 -21.17
CA GLN E 129 -8.39 -18.53 -19.85
C GLN E 129 -9.00 -17.52 -18.88
N SER E 130 -8.95 -17.88 -17.60
CA SER E 130 -9.55 -17.08 -16.54
C SER E 130 -8.54 -16.89 -15.41
N VAL E 131 -8.58 -15.72 -14.78
CA VAL E 131 -7.70 -15.42 -13.64
C VAL E 131 -8.54 -14.88 -12.47
N PRO E 132 -7.96 -14.85 -11.26
CA PRO E 132 -8.69 -14.20 -10.17
C PRO E 132 -8.79 -12.69 -10.42
N VAL E 133 -9.94 -12.10 -10.09
CA VAL E 133 -10.10 -10.67 -10.10
C VAL E 133 -10.16 -10.18 -8.66
N PRO E 134 -9.06 -9.58 -8.17
CA PRO E 134 -8.96 -9.16 -6.77
C PRO E 134 -9.81 -7.96 -6.45
N PHE E 135 -10.37 -7.94 -5.25
CA PHE E 135 -10.97 -6.73 -4.72
C PHE E 135 -10.51 -6.53 -3.29
N ASP E 136 -10.54 -5.28 -2.84
CA ASP E 136 -10.08 -4.90 -1.52
C ASP E 136 -10.81 -3.62 -1.19
N LEU E 137 -11.92 -3.73 -0.47
CA LEU E 137 -12.80 -2.59 -0.27
C LEU E 137 -13.03 -2.26 1.21
N MET E 138 -13.29 -0.97 1.44
CA MET E 138 -13.85 -0.51 2.70
C MET E 138 -15.25 0.01 2.39
N VAL E 139 -16.26 -0.57 3.02
CA VAL E 139 -17.66 -0.26 2.73
C VAL E 139 -18.38 0.12 4.01
N LYS E 140 -19.08 1.25 3.99
CA LYS E 140 -19.88 1.67 5.14
C LYS E 140 -21.35 1.43 4.86
N LEU E 141 -21.98 0.59 5.67
CA LEU E 141 -23.40 0.33 5.55
C LEU E 141 -24.13 1.18 6.57
N VAL E 142 -25.21 1.84 6.13
CA VAL E 142 -26.16 2.49 7.04
C VAL E 142 -27.45 1.66 7.06
N ALA E 143 -28.37 2.00 7.96
CA ALA E 143 -29.58 1.20 8.18
C ALA E 143 -30.33 0.83 6.90
N GLY E 144 -30.55 -0.47 6.72
CA GLY E 144 -31.25 -0.97 5.55
C GLY E 144 -30.34 -1.53 4.48
N ASP E 145 -29.05 -1.21 4.56
CA ASP E 145 -28.06 -1.65 3.56
C ASP E 145 -27.60 -3.09 3.78
N THR E 146 -27.39 -3.78 2.65
CA THR E 146 -26.81 -5.11 2.68
C THR E 146 -25.58 -5.15 1.76
N LEU E 147 -24.51 -5.80 2.23
CA LEU E 147 -23.37 -6.09 1.38
C LEU E 147 -23.42 -7.59 1.08
N GLN E 148 -23.43 -7.95 -0.20
CA GLN E 148 -23.57 -9.36 -0.55
C GLN E 148 -22.59 -9.82 -1.62
N ALA E 149 -22.46 -11.12 -1.75
CA ALA E 149 -21.66 -11.73 -2.79
C ALA E 149 -22.59 -12.54 -3.66
N ARG E 150 -22.48 -12.39 -4.97
CA ARG E 150 -23.43 -13.07 -5.87
C ARG E 150 -22.81 -13.79 -7.06
N SER E 151 -23.13 -15.07 -7.16
CA SER E 151 -22.78 -15.87 -8.31
C SER E 151 -24.09 -16.38 -8.91
N ASN E 152 -24.26 -16.24 -10.21
CA ASN E 152 -25.48 -16.69 -10.88
C ASN E 152 -25.24 -18.01 -11.60
N ASN E 153 -24.06 -18.56 -11.41
CA ASN E 153 -23.67 -19.74 -12.16
C ASN E 153 -22.64 -20.58 -11.43
N ALA E 154 -22.86 -21.89 -11.37
CA ALA E 154 -21.97 -22.80 -10.68
C ALA E 154 -20.50 -22.71 -11.13
N GLU E 155 -20.25 -22.18 -12.32
CA GLU E 155 -18.88 -22.13 -12.83
C GLU E 155 -18.07 -20.97 -12.30
N VAL E 156 -18.73 -20.00 -11.67
CA VAL E 156 -18.01 -18.83 -11.16
C VAL E 156 -18.20 -18.56 -9.67
N ARG E 157 -17.12 -18.13 -9.03
CA ARG E 157 -17.10 -17.96 -7.57
C ARG E 157 -16.79 -16.54 -7.10
N VAL E 158 -17.32 -16.19 -5.93
CA VAL E 158 -16.89 -15.01 -5.19
C VAL E 158 -16.34 -15.56 -3.89
N GLN E 159 -15.03 -15.39 -3.69
CA GLN E 159 -14.37 -15.93 -2.51
C GLN E 159 -13.69 -14.80 -1.77
N GLY E 160 -13.66 -14.88 -0.44
CA GLY E 160 -12.93 -13.88 0.31
C GLY E 160 -13.29 -13.85 1.77
N ILE E 161 -12.90 -12.77 2.43
CA ILE E 161 -13.14 -12.62 3.85
C ILE E 161 -13.48 -11.18 4.11
N ALA E 162 -14.19 -10.93 5.20
CA ALA E 162 -14.50 -9.59 5.60
C ALA E 162 -14.62 -9.52 7.11
N ARG E 163 -14.55 -8.31 7.66
CA ARG E 163 -14.82 -8.13 9.08
C ARG E 163 -15.27 -6.71 9.37
N GLN E 164 -15.97 -6.53 10.48
CA GLN E 164 -16.42 -5.20 10.85
C GLN E 164 -15.25 -4.48 11.49
N ILE E 165 -14.92 -3.32 10.98
CA ILE E 165 -13.81 -2.56 11.41
C ILE E 165 -14.23 -1.46 12.40
N ALA E 166 -15.39 -0.86 12.15
CA ALA E 166 -15.91 0.19 13.01
C ALA E 166 -17.43 0.29 12.91
N ASP E 167 -18.05 0.83 13.95
CA ASP E 167 -19.50 0.98 13.98
C ASP E 167 -19.95 2.15 13.10
N VAL E 168 -21.24 2.17 12.75
CA VAL E 168 -21.79 3.22 11.91
C VAL E 168 -21.30 4.59 12.38
N SER E 169 -21.05 4.72 13.67
CA SER E 169 -20.59 5.98 14.24
C SER E 169 -19.13 6.26 13.86
N GLY E 170 -18.34 5.20 13.76
CA GLY E 170 -16.94 5.32 13.41
C GLY E 170 -16.02 4.71 14.45
N ASN E 171 -16.58 4.40 15.61
CA ASN E 171 -15.81 3.80 16.70
C ASN E 171 -15.11 2.52 16.27
N LEU E 172 -13.78 2.53 16.30
CA LEU E 172 -12.99 1.37 15.92
C LEU E 172 -13.36 0.16 16.76
N ILE E 173 -13.35 -1.02 16.14
CA ILE E 173 -13.68 -2.26 16.84
C ILE E 173 -12.45 -3.15 17.00
N ASN E 174 -12.04 -3.36 18.24
CA ASN E 174 -10.88 -4.19 18.54
C ASN E 174 -10.99 -5.58 17.94
N PRO E 175 -9.89 -6.09 17.42
CA PRO E 175 -9.86 -7.43 16.80
C PRO E 175 -9.83 -8.53 17.86
#